data_6L1C
# 
_entry.id   6L1C 
# 
_audit_conform.dict_name       mmcif_pdbx.dic 
_audit_conform.dict_version    5.380 
_audit_conform.dict_location   http://mmcif.pdb.org/dictionaries/ascii/mmcif_pdbx.dic 
# 
loop_
_database_2.database_id 
_database_2.database_code 
_database_2.pdbx_database_accession 
_database_2.pdbx_DOI 
PDB   6L1C         pdb_00006l1c 10.2210/pdb6l1c/pdb 
WWPDB D_1300013986 ?            ?                   
# 
_pdbx_database_status.status_code                     REL 
_pdbx_database_status.status_code_sf                  REL 
_pdbx_database_status.status_code_mr                  ? 
_pdbx_database_status.entry_id                        6L1C 
_pdbx_database_status.recvd_initial_deposition_date   2019-09-28 
_pdbx_database_status.SG_entry                        N 
_pdbx_database_status.deposit_site                    PDBJ 
_pdbx_database_status.process_site                    PDBJ 
_pdbx_database_status.status_code_cs                  ? 
_pdbx_database_status.methods_development_category    ? 
_pdbx_database_status.pdb_format_compatible           Y 
_pdbx_database_status.status_code_nmr_data            ? 
# 
loop_
_audit_author.name 
_audit_author.pdbx_ordinal 
_audit_author.identifier_ORCID 
'Lv, M.Q.' 1 ? 
'Gao, J.'  2 ? 
# 
_citation.abstract                  ? 
_citation.abstract_id_CAS           ? 
_citation.book_id_ISBN              ? 
_citation.book_publisher            ? 
_citation.book_publisher_city       ? 
_citation.book_title                ? 
_citation.coordinate_linkage        ? 
_citation.country                   US 
_citation.database_id_Medline       ? 
_citation.details                   ? 
_citation.id                        primary 
_citation.journal_abbrev            'J Phys Chem Lett' 
_citation.journal_id_ASTM           ? 
_citation.journal_id_CSD            ? 
_citation.journal_id_ISSN           1948-7185 
_citation.journal_full              ? 
_citation.journal_issue             ? 
_citation.journal_volume            11 
_citation.language                  ? 
_citation.page_first                7932 
_citation.page_last                 7938 
_citation.title                     'Conformational Selection in Ligand Recognition by the First Tudor Domain of PHF20L1.' 
_citation.year                      2020 
_citation.database_id_CSD           ? 
_citation.pdbx_database_id_DOI      10.1021/acs.jpclett.0c02039 
_citation.pdbx_database_id_PubMed   32885980 
_citation.unpublished_flag          ? 
# 
loop_
_citation_author.citation_id 
_citation_author.name 
_citation_author.ordinal 
_citation_author.identifier_ORCID 
primary 'Lv, M.'    1  ? 
primary 'Gao, J.'   2  ? 
primary 'Li, M.'    3  ? 
primary 'Ma, R.'    4  ? 
primary 'Li, F.'    5  ? 
primary 'Liu, Y.'   6  ? 
primary 'Liu, M.'   7  ? 
primary 'Zhang, J.' 8  ? 
primary 'Yao, X.'   9  ? 
primary 'Wu, J.'    10 ? 
primary 'Shi, Y.'   11 ? 
primary 'Tang, Y.'  12 ? 
primary 'Pan, Y.'   13 ? 
primary 'Zhang, Z.' 14 ? 
primary 'Ruan, K.'  15 ? 
# 
_cell.angle_alpha                  90.000 
_cell.angle_alpha_esd              ? 
_cell.angle_beta                   90.000 
_cell.angle_beta_esd               ? 
_cell.angle_gamma                  90.000 
_cell.angle_gamma_esd              ? 
_cell.entry_id                     6L1C 
_cell.details                      ? 
_cell.formula_units_Z              ? 
_cell.length_a                     52.570 
_cell.length_a_esd                 ? 
_cell.length_b                     52.570 
_cell.length_b_esd                 ? 
_cell.length_c                     38.646 
_cell.length_c_esd                 ? 
_cell.volume                       ? 
_cell.volume_esd                   ? 
_cell.Z_PDB                        4 
_cell.reciprocal_angle_alpha       ? 
_cell.reciprocal_angle_beta        ? 
_cell.reciprocal_angle_gamma       ? 
_cell.reciprocal_angle_alpha_esd   ? 
_cell.reciprocal_angle_beta_esd    ? 
_cell.reciprocal_angle_gamma_esd   ? 
_cell.reciprocal_length_a          ? 
_cell.reciprocal_length_b          ? 
_cell.reciprocal_length_c          ? 
_cell.reciprocal_length_a_esd      ? 
_cell.reciprocal_length_b_esd      ? 
_cell.reciprocal_length_c_esd      ? 
_cell.pdbx_unique_axis             ? 
# 
_symmetry.entry_id                         6L1C 
_symmetry.cell_setting                     ? 
_symmetry.Int_Tables_number                76 
_symmetry.space_group_name_Hall            ? 
_symmetry.space_group_name_H-M             'P 41' 
_symmetry.pdbx_full_space_group_name_H-M   ? 
# 
loop_
_entity.id 
_entity.type 
_entity.src_method 
_entity.pdbx_description 
_entity.formula_weight 
_entity.pdbx_number_of_molecules 
_entity.pdbx_ec 
_entity.pdbx_mutation 
_entity.pdbx_fragment 
_entity.details 
1 polymer     man 'PHD finger protein 20-like protein 1' 8643.789 1  ? Y24L ? ? 
2 non-polymer syn 'SULFATE ION'                          96.063   3  ? ?    ? ? 
3 non-polymer syn GLYCEROL                               92.094   1  ? ?    ? ? 
4 water       nat water                                  18.015   35 ? ?    ? ? 
# 
_entity_name_com.entity_id   1 
_entity_name_com.name        'Plant Homeodomain (PHD) Finger Protein 20-like 1' 
# 
_entity_poly.entity_id                      1 
_entity_poly.type                           'polypeptide(L)' 
_entity_poly.nstd_linkage                   no 
_entity_poly.nstd_monomer                   no 
_entity_poly.pdbx_seq_one_letter_code       GSHMPPNRPGITFEIGARLEALDLLQKWYPSRIEKIDYEEGKMLVHFERWSHRYDEWIYWDSNRLRPLER 
_entity_poly.pdbx_seq_one_letter_code_can   GSHMPPNRPGITFEIGARLEALDLLQKWYPSRIEKIDYEEGKMLVHFERWSHRYDEWIYWDSNRLRPLER 
_entity_poly.pdbx_strand_id                 A 
_entity_poly.pdbx_target_identifier         ? 
# 
loop_
_entity_poly_seq.entity_id 
_entity_poly_seq.num 
_entity_poly_seq.mon_id 
_entity_poly_seq.hetero 
1 1  GLY n 
1 2  SER n 
1 3  HIS n 
1 4  MET n 
1 5  PRO n 
1 6  PRO n 
1 7  ASN n 
1 8  ARG n 
1 9  PRO n 
1 10 GLY n 
1 11 ILE n 
1 12 THR n 
1 13 PHE n 
1 14 GLU n 
1 15 ILE n 
1 16 GLY n 
1 17 ALA n 
1 18 ARG n 
1 19 LEU n 
1 20 GLU n 
1 21 ALA n 
1 22 LEU n 
1 23 ASP n 
1 24 LEU n 
1 25 LEU n 
1 26 GLN n 
1 27 LYS n 
1 28 TRP n 
1 29 TYR n 
1 30 PRO n 
1 31 SER n 
1 32 ARG n 
1 33 ILE n 
1 34 GLU n 
1 35 LYS n 
1 36 ILE n 
1 37 ASP n 
1 38 TYR n 
1 39 GLU n 
1 40 GLU n 
1 41 GLY n 
1 42 LYS n 
1 43 MET n 
1 44 LEU n 
1 45 VAL n 
1 46 HIS n 
1 47 PHE n 
1 48 GLU n 
1 49 ARG n 
1 50 TRP n 
1 51 SER n 
1 52 HIS n 
1 53 ARG n 
1 54 TYR n 
1 55 ASP n 
1 56 GLU n 
1 57 TRP n 
1 58 ILE n 
1 59 TYR n 
1 60 TRP n 
1 61 ASP n 
1 62 SER n 
1 63 ASN n 
1 64 ARG n 
1 65 LEU n 
1 66 ARG n 
1 67 PRO n 
1 68 LEU n 
1 69 GLU n 
1 70 ARG n 
# 
_entity_src_gen.entity_id                          1 
_entity_src_gen.pdbx_src_id                        1 
_entity_src_gen.pdbx_alt_source_flag               sample 
_entity_src_gen.pdbx_seq_type                      'Biological sequence' 
_entity_src_gen.pdbx_beg_seq_num                   1 
_entity_src_gen.pdbx_end_seq_num                   70 
_entity_src_gen.gene_src_common_name               Human 
_entity_src_gen.gene_src_genus                     ? 
_entity_src_gen.pdbx_gene_src_gene                 'PHF20L1, CGI-72' 
_entity_src_gen.gene_src_species                   ? 
_entity_src_gen.gene_src_strain                    ? 
_entity_src_gen.gene_src_tissue                    ? 
_entity_src_gen.gene_src_tissue_fraction           ? 
_entity_src_gen.gene_src_details                   ? 
_entity_src_gen.pdbx_gene_src_fragment             ? 
_entity_src_gen.pdbx_gene_src_scientific_name      'Homo sapiens' 
_entity_src_gen.pdbx_gene_src_ncbi_taxonomy_id     9606 
_entity_src_gen.pdbx_gene_src_variant              ? 
_entity_src_gen.pdbx_gene_src_cell_line            ? 
_entity_src_gen.pdbx_gene_src_atcc                 ? 
_entity_src_gen.pdbx_gene_src_organ                ? 
_entity_src_gen.pdbx_gene_src_organelle            ? 
_entity_src_gen.pdbx_gene_src_cell                 ? 
_entity_src_gen.pdbx_gene_src_cellular_location    ? 
_entity_src_gen.host_org_common_name               ? 
_entity_src_gen.pdbx_host_org_scientific_name      'Escherichia coli' 
_entity_src_gen.pdbx_host_org_ncbi_taxonomy_id     562 
_entity_src_gen.host_org_genus                     ? 
_entity_src_gen.pdbx_host_org_gene                 ? 
_entity_src_gen.pdbx_host_org_organ                ? 
_entity_src_gen.host_org_species                   ? 
_entity_src_gen.pdbx_host_org_tissue               ? 
_entity_src_gen.pdbx_host_org_tissue_fraction      ? 
_entity_src_gen.pdbx_host_org_strain               ? 
_entity_src_gen.pdbx_host_org_variant              ? 
_entity_src_gen.pdbx_host_org_cell_line            ? 
_entity_src_gen.pdbx_host_org_atcc                 ? 
_entity_src_gen.pdbx_host_org_culture_collection   ? 
_entity_src_gen.pdbx_host_org_cell                 ? 
_entity_src_gen.pdbx_host_org_organelle            ? 
_entity_src_gen.pdbx_host_org_cellular_location    ? 
_entity_src_gen.pdbx_host_org_vector_type          ? 
_entity_src_gen.pdbx_host_org_vector               ? 
_entity_src_gen.host_org_details                   ? 
_entity_src_gen.expression_system_id               ? 
_entity_src_gen.plasmid_name                       ? 
_entity_src_gen.plasmid_details                    ? 
_entity_src_gen.pdbx_description                   ? 
# 
_struct_ref.id                         1 
_struct_ref.db_name                    UNP 
_struct_ref.db_code                    P20L1_HUMAN 
_struct_ref.pdbx_db_accession          A8MW92 
_struct_ref.pdbx_db_isoform            ? 
_struct_ref.entity_id                  1 
_struct_ref.pdbx_seq_one_letter_code   PPNRPGITFEIGARLEALDYLQKWYPSRIEKIDYEEGKMLVHFERWSHRYDEWIYWDSNRLRPLER 
_struct_ref.pdbx_align_begin           5 
# 
_struct_ref_seq.align_id                      1 
_struct_ref_seq.ref_id                        1 
_struct_ref_seq.pdbx_PDB_id_code              6L1C 
_struct_ref_seq.pdbx_strand_id                A 
_struct_ref_seq.seq_align_beg                 5 
_struct_ref_seq.pdbx_seq_align_beg_ins_code   ? 
_struct_ref_seq.seq_align_end                 70 
_struct_ref_seq.pdbx_seq_align_end_ins_code   ? 
_struct_ref_seq.pdbx_db_accession             A8MW92 
_struct_ref_seq.db_align_beg                  5 
_struct_ref_seq.pdbx_db_align_beg_ins_code    ? 
_struct_ref_seq.db_align_end                  70 
_struct_ref_seq.pdbx_db_align_end_ins_code    ? 
_struct_ref_seq.pdbx_auth_seq_align_beg       5 
_struct_ref_seq.pdbx_auth_seq_align_end       70 
# 
loop_
_struct_ref_seq_dif.align_id 
_struct_ref_seq_dif.pdbx_pdb_id_code 
_struct_ref_seq_dif.mon_id 
_struct_ref_seq_dif.pdbx_pdb_strand_id 
_struct_ref_seq_dif.seq_num 
_struct_ref_seq_dif.pdbx_pdb_ins_code 
_struct_ref_seq_dif.pdbx_seq_db_name 
_struct_ref_seq_dif.pdbx_seq_db_accession_code 
_struct_ref_seq_dif.db_mon_id 
_struct_ref_seq_dif.pdbx_seq_db_seq_num 
_struct_ref_seq_dif.details 
_struct_ref_seq_dif.pdbx_auth_seq_num 
_struct_ref_seq_dif.pdbx_ordinal 
1 6L1C GLY A 1  ? UNP A8MW92 ?   ?  'expression tag'      1  1 
1 6L1C SER A 2  ? UNP A8MW92 ?   ?  'expression tag'      2  2 
1 6L1C HIS A 3  ? UNP A8MW92 ?   ?  'expression tag'      3  3 
1 6L1C MET A 4  ? UNP A8MW92 ?   ?  'expression tag'      4  4 
1 6L1C LEU A 24 ? UNP A8MW92 TYR 24 'engineered mutation' 24 5 
# 
loop_
_chem_comp.id 
_chem_comp.type 
_chem_comp.mon_nstd_flag 
_chem_comp.name 
_chem_comp.pdbx_synonyms 
_chem_comp.formula 
_chem_comp.formula_weight 
ALA 'L-peptide linking' y ALANINE         ?                               'C3 H7 N O2'     89.093  
ARG 'L-peptide linking' y ARGININE        ?                               'C6 H15 N4 O2 1' 175.209 
ASN 'L-peptide linking' y ASPARAGINE      ?                               'C4 H8 N2 O3'    132.118 
ASP 'L-peptide linking' y 'ASPARTIC ACID' ?                               'C4 H7 N O4'     133.103 
GLN 'L-peptide linking' y GLUTAMINE       ?                               'C5 H10 N2 O3'   146.144 
GLU 'L-peptide linking' y 'GLUTAMIC ACID' ?                               'C5 H9 N O4'     147.129 
GLY 'peptide linking'   y GLYCINE         ?                               'C2 H5 N O2'     75.067  
GOL non-polymer         . GLYCEROL        'GLYCERIN; PROPANE-1,2,3-TRIOL' 'C3 H8 O3'       92.094  
HIS 'L-peptide linking' y HISTIDINE       ?                               'C6 H10 N3 O2 1' 156.162 
HOH non-polymer         . WATER           ?                               'H2 O'           18.015  
ILE 'L-peptide linking' y ISOLEUCINE      ?                               'C6 H13 N O2'    131.173 
LEU 'L-peptide linking' y LEUCINE         ?                               'C6 H13 N O2'    131.173 
LYS 'L-peptide linking' y LYSINE          ?                               'C6 H15 N2 O2 1' 147.195 
MET 'L-peptide linking' y METHIONINE      ?                               'C5 H11 N O2 S'  149.211 
PHE 'L-peptide linking' y PHENYLALANINE   ?                               'C9 H11 N O2'    165.189 
PRO 'L-peptide linking' y PROLINE         ?                               'C5 H9 N O2'     115.130 
SER 'L-peptide linking' y SERINE          ?                               'C3 H7 N O3'     105.093 
SO4 non-polymer         . 'SULFATE ION'   ?                               'O4 S -2'        96.063  
THR 'L-peptide linking' y THREONINE       ?                               'C4 H9 N O3'     119.119 
TRP 'L-peptide linking' y TRYPTOPHAN      ?                               'C11 H12 N2 O2'  204.225 
TYR 'L-peptide linking' y TYROSINE        ?                               'C9 H11 N O3'    181.189 
VAL 'L-peptide linking' y VALINE          ?                               'C5 H11 N O2'    117.146 
# 
_exptl.absorpt_coefficient_mu     ? 
_exptl.absorpt_correction_T_max   ? 
_exptl.absorpt_correction_T_min   ? 
_exptl.absorpt_correction_type    ? 
_exptl.absorpt_process_details    ? 
_exptl.entry_id                   6L1C 
_exptl.crystals_number            1 
_exptl.details                    ? 
_exptl.method                     'X-RAY DIFFRACTION' 
_exptl.method_details             ? 
# 
_exptl_crystal.colour                      ? 
_exptl_crystal.density_diffrn              ? 
_exptl_crystal.density_Matthews            3.09 
_exptl_crystal.density_method              ? 
_exptl_crystal.density_percent_sol         60.18 
_exptl_crystal.description                 ? 
_exptl_crystal.F_000                       ? 
_exptl_crystal.id                          1 
_exptl_crystal.preparation                 ? 
_exptl_crystal.size_max                    ? 
_exptl_crystal.size_mid                    ? 
_exptl_crystal.size_min                    ? 
_exptl_crystal.size_rad                    ? 
_exptl_crystal.colour_lustre               ? 
_exptl_crystal.colour_modifier             ? 
_exptl_crystal.colour_primary              ? 
_exptl_crystal.density_meas                ? 
_exptl_crystal.density_meas_esd            ? 
_exptl_crystal.density_meas_gt             ? 
_exptl_crystal.density_meas_lt             ? 
_exptl_crystal.density_meas_temp           ? 
_exptl_crystal.density_meas_temp_esd       ? 
_exptl_crystal.density_meas_temp_gt        ? 
_exptl_crystal.density_meas_temp_lt        ? 
_exptl_crystal.pdbx_crystal_image_url      ? 
_exptl_crystal.pdbx_crystal_image_format   ? 
_exptl_crystal.pdbx_mosaicity              ? 
_exptl_crystal.pdbx_mosaicity_esd          ? 
# 
_exptl_crystal_grow.apparatus       ? 
_exptl_crystal_grow.atmosphere      ? 
_exptl_crystal_grow.crystal_id      1 
_exptl_crystal_grow.details         ? 
_exptl_crystal_grow.method          'VAPOR DIFFUSION, SITTING DROP' 
_exptl_crystal_grow.method_ref      ? 
_exptl_crystal_grow.pH              ? 
_exptl_crystal_grow.pressure        ? 
_exptl_crystal_grow.pressure_esd    ? 
_exptl_crystal_grow.seeding         ? 
_exptl_crystal_grow.seeding_ref     ? 
_exptl_crystal_grow.temp            293 
_exptl_crystal_grow.temp_details    ? 
_exptl_crystal_grow.temp_esd        ? 
_exptl_crystal_grow.time            ? 
_exptl_crystal_grow.pdbx_details    '1.6M lithium sulfate, 0.1M Tris, PH 8.0' 
_exptl_crystal_grow.pdbx_pH_range   ? 
# 
_diffrn.ambient_environment              ? 
_diffrn.ambient_temp                     100 
_diffrn.ambient_temp_details             ? 
_diffrn.ambient_temp_esd                 ? 
_diffrn.crystal_id                       1 
_diffrn.crystal_support                  ? 
_diffrn.crystal_treatment                ? 
_diffrn.details                          ? 
_diffrn.id                               1 
_diffrn.ambient_pressure                 ? 
_diffrn.ambient_pressure_esd             ? 
_diffrn.ambient_pressure_gt              ? 
_diffrn.ambient_pressure_lt              ? 
_diffrn.ambient_temp_gt                  ? 
_diffrn.ambient_temp_lt                  ? 
_diffrn.pdbx_serial_crystal_experiment   N 
# 
_diffrn_detector.details                      ? 
_diffrn_detector.detector                     CCD 
_diffrn_detector.diffrn_id                    1 
_diffrn_detector.type                         'ADSC QUANTUM 315r' 
_diffrn_detector.area_resol_mean              ? 
_diffrn_detector.dtime                        ? 
_diffrn_detector.pdbx_frames_total            ? 
_diffrn_detector.pdbx_collection_time_total   ? 
_diffrn_detector.pdbx_collection_date         2019-03-19 
_diffrn_detector.pdbx_frequency               ? 
# 
_diffrn_radiation.collimation                      ? 
_diffrn_radiation.diffrn_id                        1 
_diffrn_radiation.filter_edge                      ? 
_diffrn_radiation.inhomogeneity                    ? 
_diffrn_radiation.monochromator                    ? 
_diffrn_radiation.polarisn_norm                    ? 
_diffrn_radiation.polarisn_ratio                   ? 
_diffrn_radiation.probe                            ? 
_diffrn_radiation.type                             ? 
_diffrn_radiation.xray_symbol                      ? 
_diffrn_radiation.wavelength_id                    1 
_diffrn_radiation.pdbx_monochromatic_or_laue_m_l   M 
_diffrn_radiation.pdbx_wavelength_list             ? 
_diffrn_radiation.pdbx_wavelength                  ? 
_diffrn_radiation.pdbx_diffrn_protocol             'SINGLE WAVELENGTH' 
_diffrn_radiation.pdbx_analyzer                    ? 
_diffrn_radiation.pdbx_scattering_type             x-ray 
# 
_diffrn_radiation_wavelength.id           1 
_diffrn_radiation_wavelength.wavelength   0.979 
_diffrn_radiation_wavelength.wt           1.0 
# 
_diffrn_source.current                     ? 
_diffrn_source.details                     ? 
_diffrn_source.diffrn_id                   1 
_diffrn_source.power                       ? 
_diffrn_source.size                        ? 
_diffrn_source.source                      SYNCHROTRON 
_diffrn_source.target                      ? 
_diffrn_source.type                        'SSRF BEAMLINE BL19U1' 
_diffrn_source.voltage                     ? 
_diffrn_source.take-off_angle              ? 
_diffrn_source.pdbx_wavelength_list        0.979 
_diffrn_source.pdbx_wavelength             ? 
_diffrn_source.pdbx_synchrotron_beamline   BL19U1 
_diffrn_source.pdbx_synchrotron_site       SSRF 
# 
_reflns.B_iso_Wilson_estimate            16.480 
_reflns.entry_id                         6L1C 
_reflns.data_reduction_details           ? 
_reflns.data_reduction_method            ? 
_reflns.d_resolution_high                1.58 
_reflns.d_resolution_low                 37.173 
_reflns.details                          ? 
_reflns.limit_h_max                      ? 
_reflns.limit_h_min                      ? 
_reflns.limit_k_max                      ? 
_reflns.limit_k_min                      ? 
_reflns.limit_l_max                      ? 
_reflns.limit_l_min                      ? 
_reflns.number_all                       ? 
_reflns.number_obs                       13228 
_reflns.observed_criterion               ? 
_reflns.observed_criterion_F_max         ? 
_reflns.observed_criterion_F_min         ? 
_reflns.observed_criterion_I_max         ? 
_reflns.observed_criterion_I_min         ? 
_reflns.observed_criterion_sigma_F       ? 
_reflns.observed_criterion_sigma_I       ? 
_reflns.percent_possible_obs             99.93 
_reflns.R_free_details                   ? 
_reflns.Rmerge_F_all                     ? 
_reflns.Rmerge_F_obs                     ? 
_reflns.Friedel_coverage                 ? 
_reflns.number_gt                        ? 
_reflns.threshold_expression             ? 
_reflns.pdbx_redundancy                  13.2 
_reflns.pdbx_Rmerge_I_obs                0.097 
_reflns.pdbx_Rmerge_I_all                ? 
_reflns.pdbx_Rsym_value                  ? 
_reflns.pdbx_netI_over_av_sigmaI         ? 
_reflns.pdbx_netI_over_sigmaI            37.4 
_reflns.pdbx_res_netI_over_av_sigmaI_2   ? 
_reflns.pdbx_res_netI_over_sigmaI_2      ? 
_reflns.pdbx_chi_squared                 ? 
_reflns.pdbx_scaling_rejects             ? 
_reflns.pdbx_d_res_high_opt              ? 
_reflns.pdbx_d_res_low_opt               ? 
_reflns.pdbx_d_res_opt_method            ? 
_reflns.phase_calculation_details        ? 
_reflns.pdbx_Rrim_I_all                  ? 
_reflns.pdbx_Rpim_I_all                  ? 
_reflns.pdbx_d_opt                       ? 
_reflns.pdbx_number_measured_all         ? 
_reflns.pdbx_diffrn_id                   1 
_reflns.pdbx_ordinal                     1 
_reflns.pdbx_CC_half                     ? 
_reflns.pdbx_CC_star                     ? 
_reflns.pdbx_R_split                     ? 
# 
_reflns_shell.d_res_high                  1.582 
_reflns_shell.d_res_low                   1.623 
_reflns_shell.meanI_over_sigI_all         ? 
_reflns_shell.meanI_over_sigI_obs         6.3 
_reflns_shell.number_measured_all         ? 
_reflns_shell.number_measured_obs         ? 
_reflns_shell.number_possible             ? 
_reflns_shell.number_unique_all           ? 
_reflns_shell.number_unique_obs           956 
_reflns_shell.percent_possible_all        ? 
_reflns_shell.percent_possible_obs        ? 
_reflns_shell.Rmerge_F_all                ? 
_reflns_shell.Rmerge_F_obs                ? 
_reflns_shell.Rmerge_I_all                ? 
_reflns_shell.Rmerge_I_obs                0.341 
_reflns_shell.meanI_over_sigI_gt          ? 
_reflns_shell.meanI_over_uI_all           ? 
_reflns_shell.meanI_over_uI_gt            ? 
_reflns_shell.number_measured_gt          ? 
_reflns_shell.number_unique_gt            ? 
_reflns_shell.percent_possible_gt         ? 
_reflns_shell.Rmerge_F_gt                 ? 
_reflns_shell.Rmerge_I_gt                 ? 
_reflns_shell.pdbx_redundancy             ? 
_reflns_shell.pdbx_Rsym_value             ? 
_reflns_shell.pdbx_chi_squared            ? 
_reflns_shell.pdbx_netI_over_sigmaI_all   ? 
_reflns_shell.pdbx_netI_over_sigmaI_obs   ? 
_reflns_shell.pdbx_Rrim_I_all             ? 
_reflns_shell.pdbx_Rpim_I_all             ? 
_reflns_shell.pdbx_rejects                ? 
_reflns_shell.pdbx_ordinal                1 
_reflns_shell.pdbx_diffrn_id              1 
_reflns_shell.pdbx_CC_half                ? 
_reflns_shell.pdbx_CC_star                ? 
_reflns_shell.pdbx_R_split                ? 
# 
_refine.aniso_B[1][1]                            0.0600 
_refine.aniso_B[1][2]                            0.0000 
_refine.aniso_B[1][3]                            0.0000 
_refine.aniso_B[2][2]                            0.0600 
_refine.aniso_B[2][3]                            0.0000 
_refine.aniso_B[3][3]                            -0.1200 
_refine.B_iso_max                                72.940 
_refine.B_iso_mean                               16.5750 
_refine.B_iso_min                                10.030 
_refine.correlation_coeff_Fo_to_Fc               0.9530 
_refine.correlation_coeff_Fo_to_Fc_free          0.9120 
_refine.details                                  
'HYDROGENS HAVE BEEN ADDED IN THE RIDING POSITIONS U VALUES      : REFINED INDIVIDUALLY' 
_refine.diff_density_max                         ? 
_refine.diff_density_max_esd                     ? 
_refine.diff_density_min                         ? 
_refine.diff_density_min_esd                     ? 
_refine.diff_density_rms                         ? 
_refine.diff_density_rms_esd                     ? 
_refine.entry_id                                 6L1C 
_refine.pdbx_refine_id                           'X-RAY DIFFRACTION' 
_refine.ls_abs_structure_details                 ? 
_refine.ls_abs_structure_Flack                   ? 
_refine.ls_abs_structure_Flack_esd               ? 
_refine.ls_abs_structure_Rogers                  ? 
_refine.ls_abs_structure_Rogers_esd              ? 
_refine.ls_d_res_high                            1.5800 
_refine.ls_d_res_low                             37.1700 
_refine.ls_extinction_coef                       ? 
_refine.ls_extinction_coef_esd                   ? 
_refine.ls_extinction_expression                 ? 
_refine.ls_extinction_method                     ? 
_refine.ls_goodness_of_fit_all                   ? 
_refine.ls_goodness_of_fit_all_esd               ? 
_refine.ls_goodness_of_fit_obs                   ? 
_refine.ls_goodness_of_fit_obs_esd               ? 
_refine.ls_hydrogen_treatment                    ? 
_refine.ls_matrix_type                           ? 
_refine.ls_number_constraints                    ? 
_refine.ls_number_parameters                     ? 
_refine.ls_number_reflns_all                     ? 
_refine.ls_number_reflns_obs                     13228 
_refine.ls_number_reflns_R_free                  1319 
_refine.ls_number_reflns_R_work                  ? 
_refine.ls_number_restraints                     ? 
_refine.ls_percent_reflns_obs                    99.9300 
_refine.ls_percent_reflns_R_free                 9.1000 
_refine.ls_R_factor_all                          ? 
_refine.ls_R_factor_obs                          0.1792 
_refine.ls_R_factor_R_free                       0.1909 
_refine.ls_R_factor_R_free_error                 ? 
_refine.ls_R_factor_R_free_error_details         ? 
_refine.ls_R_factor_R_work                       0.1780 
_refine.ls_R_Fsqd_factor_obs                     ? 
_refine.ls_R_I_factor_obs                        ? 
_refine.ls_redundancy_reflns_all                 ? 
_refine.ls_redundancy_reflns_obs                 ? 
_refine.ls_restrained_S_all                      ? 
_refine.ls_restrained_S_obs                      ? 
_refine.ls_shift_over_esd_max                    ? 
_refine.ls_shift_over_esd_mean                   ? 
_refine.ls_structure_factor_coef                 ? 
_refine.ls_weighting_details                     ? 
_refine.ls_weighting_scheme                      ? 
_refine.ls_wR_factor_all                         ? 
_refine.ls_wR_factor_obs                         ? 
_refine.ls_wR_factor_R_free                      0.2302 
_refine.ls_wR_factor_R_work                      0.1911 
_refine.occupancy_max                            ? 
_refine.occupancy_min                            ? 
_refine.solvent_model_details                    MASK 
_refine.solvent_model_param_bsol                 ? 
_refine.solvent_model_param_ksol                 ? 
_refine.pdbx_R_complete                          ? 
_refine.ls_R_factor_gt                           ? 
_refine.ls_goodness_of_fit_gt                    ? 
_refine.ls_goodness_of_fit_ref                   ? 
_refine.ls_shift_over_su_max                     ? 
_refine.ls_shift_over_su_max_lt                  ? 
_refine.ls_shift_over_su_mean                    ? 
_refine.ls_shift_over_su_mean_lt                 ? 
_refine.pdbx_ls_sigma_I                          ? 
_refine.pdbx_ls_sigma_F                          0.000 
_refine.pdbx_ls_sigma_Fsqd                       ? 
_refine.pdbx_data_cutoff_high_absF               ? 
_refine.pdbx_data_cutoff_high_rms_absF           ? 
_refine.pdbx_data_cutoff_low_absF                ? 
_refine.pdbx_isotropic_thermal_model             ? 
_refine.pdbx_ls_cross_valid_method               THROUGHOUT 
_refine.pdbx_method_to_determine_struct          'MOLECULAR REPLACEMENT' 
_refine.pdbx_starting_model                      3SD4 
_refine.pdbx_stereochemistry_target_values       'MAXIMUM LIKELIHOOD' 
_refine.pdbx_R_Free_selection_details            RANDOM 
_refine.pdbx_stereochem_target_val_spec_case     ? 
_refine.pdbx_overall_ESU_R                       0.0150 
_refine.pdbx_overall_ESU_R_Free                  0.0150 
_refine.pdbx_solvent_vdw_probe_radii             1.2000 
_refine.pdbx_solvent_ion_probe_radii             0.8000 
_refine.pdbx_solvent_shrinkage_radii             0.8000 
_refine.pdbx_real_space_R                        ? 
_refine.pdbx_density_correlation                 ? 
_refine.pdbx_pd_number_of_powder_patterns        ? 
_refine.pdbx_pd_number_of_points                 ? 
_refine.pdbx_pd_meas_number_of_points            ? 
_refine.pdbx_pd_proc_ls_prof_R_factor            ? 
_refine.pdbx_pd_proc_ls_prof_wR_factor           ? 
_refine.pdbx_pd_Marquardt_correlation_coeff      ? 
_refine.pdbx_pd_Fsqrd_R_factor                   ? 
_refine.pdbx_pd_ls_matrix_band_width             ? 
_refine.pdbx_overall_phase_error                 ? 
_refine.pdbx_overall_SU_R_free_Cruickshank_DPI   ? 
_refine.pdbx_overall_SU_R_free_Blow_DPI          ? 
_refine.pdbx_overall_SU_R_Blow_DPI               ? 
_refine.pdbx_TLS_residual_ADP_flag               ? 
_refine.pdbx_diffrn_id                           1 
_refine.overall_SU_B                             0.8580 
_refine.overall_SU_ML                            0.0320 
_refine.overall_SU_R_Cruickshank_DPI             0.0151 
_refine.overall_SU_R_free                        0.0145 
_refine.overall_FOM_free_R_set                   ? 
_refine.overall_FOM_work_R_set                   0.9092 
_refine.pdbx_average_fsc_overall                 ? 
_refine.pdbx_average_fsc_work                    ? 
_refine.pdbx_average_fsc_free                    ? 
# 
_refine_hist.pdbx_refine_id                   'X-RAY DIFFRACTION' 
_refine_hist.cycle_id                         final 
_refine_hist.details                          ? 
_refine_hist.d_res_high                       1.5800 
_refine_hist.d_res_low                        37.1700 
_refine_hist.number_atoms_solvent             35 
_refine_hist.number_atoms_total               652 
_refine_hist.number_reflns_all                ? 
_refine_hist.number_reflns_obs                ? 
_refine_hist.number_reflns_R_free             ? 
_refine_hist.number_reflns_R_work             ? 
_refine_hist.R_factor_all                     ? 
_refine_hist.R_factor_obs                     ? 
_refine_hist.R_factor_R_free                  ? 
_refine_hist.R_factor_R_work                  ? 
_refine_hist.pdbx_number_residues_total       68 
_refine_hist.pdbx_B_iso_mean_ligand           51.95 
_refine_hist.pdbx_B_iso_mean_solvent          32.78 
_refine_hist.pdbx_number_atoms_protein        596 
_refine_hist.pdbx_number_atoms_nucleic_acid   0 
_refine_hist.pdbx_number_atoms_ligand         21 
_refine_hist.pdbx_number_atoms_lipid          ? 
_refine_hist.pdbx_number_atoms_carb           ? 
_refine_hist.pdbx_pseudo_atom_details         ? 
# 
loop_
_refine_ls_restr.pdbx_refine_id 
_refine_ls_restr.criterion 
_refine_ls_restr.dev_ideal 
_refine_ls_restr.dev_ideal_target 
_refine_ls_restr.number 
_refine_ls_restr.rejects 
_refine_ls_restr.type 
_refine_ls_restr.weight 
_refine_ls_restr.pdbx_restraint_function 
'X-RAY DIFFRACTION' ? 0.003  0.013  643  ? r_bond_refined_d       ? ? 
'X-RAY DIFFRACTION' ? 0.001  0.017  571  ? r_bond_other_d         ? ? 
'X-RAY DIFFRACTION' ? 1.161  1.648  872  ? r_angle_refined_deg    ? ? 
'X-RAY DIFFRACTION' ? 1.113  1.583  1320 ? r_angle_other_deg      ? ? 
'X-RAY DIFFRACTION' ? 6.453  5.000  69   ? r_dihedral_angle_1_deg ? ? 
'X-RAY DIFFRACTION' ? 31.065 19.773 44   ? r_dihedral_angle_2_deg ? ? 
'X-RAY DIFFRACTION' ? 12.179 15.000 109  ? r_dihedral_angle_3_deg ? ? 
'X-RAY DIFFRACTION' ? 16.015 15.000 8    ? r_dihedral_angle_4_deg ? ? 
'X-RAY DIFFRACTION' ? 0.049  0.200  72   ? r_chiral_restr         ? ? 
'X-RAY DIFFRACTION' ? 0.004  0.020  693  ? r_gen_planes_refined   ? ? 
'X-RAY DIFFRACTION' ? 0.001  0.020  159  ? r_gen_planes_other     ? ? 
# 
_refine_ls_shell.pdbx_refine_id                   'X-RAY DIFFRACTION' 
_refine_ls_shell.d_res_high                       1.5820 
_refine_ls_shell.d_res_low                        1.6230 
_refine_ls_shell.number_reflns_all                1058 
_refine_ls_shell.number_reflns_obs                ? 
_refine_ls_shell.number_reflns_R_free             102 
_refine_ls_shell.number_reflns_R_work             956 
_refine_ls_shell.percent_reflns_obs               99.6200 
_refine_ls_shell.percent_reflns_R_free            ? 
_refine_ls_shell.R_factor_all                     ? 
_refine_ls_shell.R_factor_obs                     ? 
_refine_ls_shell.R_factor_R_free                  0.2000 
_refine_ls_shell.R_factor_R_free_error            0.0000 
_refine_ls_shell.R_factor_R_work                  0.1650 
_refine_ls_shell.redundancy_reflns_all            ? 
_refine_ls_shell.redundancy_reflns_obs            ? 
_refine_ls_shell.wR_factor_all                    ? 
_refine_ls_shell.wR_factor_obs                    ? 
_refine_ls_shell.wR_factor_R_free                 ? 
_refine_ls_shell.wR_factor_R_work                 ? 
_refine_ls_shell.pdbx_R_complete                  ? 
_refine_ls_shell.pdbx_total_number_of_bins_used   20 
_refine_ls_shell.pdbx_phase_error                 ? 
_refine_ls_shell.pdbx_fsc_work                    ? 
_refine_ls_shell.pdbx_fsc_free                    ? 
# 
_struct.entry_id                     6L1C 
_struct.title                        'Crystal Structure Of of PHF20L1 Tudor1 Y24L mutant' 
_struct.pdbx_model_details           ? 
_struct.pdbx_formula_weight          ? 
_struct.pdbx_formula_weight_method   ? 
_struct.pdbx_model_type_details      ? 
_struct.pdbx_CASP_flag               N 
# 
_struct_keywords.entry_id        6L1C 
_struct_keywords.text            'PHF20L1, Tudor, Y24L, METAL BINDING PROTEIN' 
_struct_keywords.pdbx_keywords   'METAL BINDING PROTEIN' 
# 
loop_
_struct_asym.id 
_struct_asym.pdbx_blank_PDB_chainid_flag 
_struct_asym.pdbx_modified 
_struct_asym.entity_id 
_struct_asym.details 
A N N 1 ? 
B N N 2 ? 
C N N 2 ? 
D N N 2 ? 
E N N 3 ? 
F N N 4 ? 
# 
_struct_conf.conf_type_id            HELX_P 
_struct_conf.id                      HELX_P1 
_struct_conf.pdbx_PDB_helix_id       AA1 
_struct_conf.beg_label_comp_id       SER 
_struct_conf.beg_label_asym_id       A 
_struct_conf.beg_label_seq_id        51 
_struct_conf.pdbx_beg_PDB_ins_code   ? 
_struct_conf.end_label_comp_id       ASP 
_struct_conf.end_label_asym_id       A 
_struct_conf.end_label_seq_id        55 
_struct_conf.pdbx_end_PDB_ins_code   ? 
_struct_conf.beg_auth_comp_id        SER 
_struct_conf.beg_auth_asym_id        A 
_struct_conf.beg_auth_seq_id         51 
_struct_conf.end_auth_comp_id        ASP 
_struct_conf.end_auth_asym_id        A 
_struct_conf.end_auth_seq_id         55 
_struct_conf.pdbx_PDB_helix_class    5 
_struct_conf.details                 ? 
_struct_conf.pdbx_PDB_helix_length   5 
# 
_struct_conf_type.id          HELX_P 
_struct_conf_type.criteria    ? 
_struct_conf_type.reference   ? 
# 
_struct_sheet.id               AA1 
_struct_sheet.type             ? 
_struct_sheet.number_strands   5 
_struct_sheet.details          ? 
# 
loop_
_struct_sheet_order.sheet_id 
_struct_sheet_order.range_id_1 
_struct_sheet_order.range_id_2 
_struct_sheet_order.offset 
_struct_sheet_order.sense 
AA1 1 2 ? anti-parallel 
AA1 2 3 ? anti-parallel 
AA1 3 4 ? anti-parallel 
AA1 4 5 ? anti-parallel 
# 
loop_
_struct_sheet_range.sheet_id 
_struct_sheet_range.id 
_struct_sheet_range.beg_label_comp_id 
_struct_sheet_range.beg_label_asym_id 
_struct_sheet_range.beg_label_seq_id 
_struct_sheet_range.pdbx_beg_PDB_ins_code 
_struct_sheet_range.end_label_comp_id 
_struct_sheet_range.end_label_asym_id 
_struct_sheet_range.end_label_seq_id 
_struct_sheet_range.pdbx_end_PDB_ins_code 
_struct_sheet_range.beg_auth_comp_id 
_struct_sheet_range.beg_auth_asym_id 
_struct_sheet_range.beg_auth_seq_id 
_struct_sheet_range.end_auth_comp_id 
_struct_sheet_range.end_auth_asym_id 
_struct_sheet_range.end_auth_seq_id 
AA1 1 GLU A 56 ? TYR A 59 ? GLU A 56 TYR A 59 
AA1 2 LYS A 42 ? PHE A 47 ? LYS A 42 PHE A 47 
AA1 3 TRP A 28 ? ASP A 37 ? TRP A 28 ASP A 37 
AA1 4 ARG A 18 ? LEU A 22 ? ARG A 18 LEU A 22 
AA1 5 LEU A 65 ? ARG A 66 ? LEU A 65 ARG A 66 
# 
loop_
_pdbx_struct_sheet_hbond.sheet_id 
_pdbx_struct_sheet_hbond.range_id_1 
_pdbx_struct_sheet_hbond.range_id_2 
_pdbx_struct_sheet_hbond.range_1_label_atom_id 
_pdbx_struct_sheet_hbond.range_1_label_comp_id 
_pdbx_struct_sheet_hbond.range_1_label_asym_id 
_pdbx_struct_sheet_hbond.range_1_label_seq_id 
_pdbx_struct_sheet_hbond.range_1_PDB_ins_code 
_pdbx_struct_sheet_hbond.range_1_auth_atom_id 
_pdbx_struct_sheet_hbond.range_1_auth_comp_id 
_pdbx_struct_sheet_hbond.range_1_auth_asym_id 
_pdbx_struct_sheet_hbond.range_1_auth_seq_id 
_pdbx_struct_sheet_hbond.range_2_label_atom_id 
_pdbx_struct_sheet_hbond.range_2_label_comp_id 
_pdbx_struct_sheet_hbond.range_2_label_asym_id 
_pdbx_struct_sheet_hbond.range_2_label_seq_id 
_pdbx_struct_sheet_hbond.range_2_PDB_ins_code 
_pdbx_struct_sheet_hbond.range_2_auth_atom_id 
_pdbx_struct_sheet_hbond.range_2_auth_comp_id 
_pdbx_struct_sheet_hbond.range_2_auth_asym_id 
_pdbx_struct_sheet_hbond.range_2_auth_seq_id 
AA1 1 2 O GLU A 56 ? O GLU A 56 N VAL A 45 ? N VAL A 45 
AA1 2 3 O LEU A 44 ? O LEU A 44 N GLU A 34 ? N GLU A 34 
AA1 3 4 O SER A 31 ? O SER A 31 N LEU A 19 ? N LEU A 19 
AA1 4 5 N GLU A 20 ? N GLU A 20 O ARG A 66 ? O ARG A 66 
# 
loop_
_struct_site.id 
_struct_site.pdbx_evidence_code 
_struct_site.pdbx_auth_asym_id 
_struct_site.pdbx_auth_comp_id 
_struct_site.pdbx_auth_seq_id 
_struct_site.pdbx_auth_ins_code 
_struct_site.pdbx_num_residues 
_struct_site.details 
AC1 Software A SO4 101 ? 2 'binding site for residue SO4 A 101' 
AC2 Software A SO4 102 ? 6 'binding site for residue SO4 A 102' 
AC3 Software A SO4 103 ? 1 'binding site for residue SO4 A 103' 
AC4 Software A GOL 104 ? 2 'binding site for residue GOL A 104' 
# 
loop_
_struct_site_gen.id 
_struct_site_gen.site_id 
_struct_site_gen.pdbx_num_res 
_struct_site_gen.label_comp_id 
_struct_site_gen.label_asym_id 
_struct_site_gen.label_seq_id 
_struct_site_gen.pdbx_auth_ins_code 
_struct_site_gen.auth_comp_id 
_struct_site_gen.auth_asym_id 
_struct_site_gen.auth_seq_id 
_struct_site_gen.label_atom_id 
_struct_site_gen.label_alt_id 
_struct_site_gen.symmetry 
_struct_site_gen.details 
1  AC1 2 SER A 51 ? SER A 51  . ? 1_555 ? 
2  AC1 2 HIS A 52 ? HIS A 52  . ? 1_555 ? 
3  AC2 6 ARG A 53 ? ARG A 53  . ? 3_555 ? 
4  AC2 6 TYR A 54 ? TYR A 54  . ? 3_555 ? 
5  AC2 6 SER A 62 ? SER A 62  . ? 1_555 ? 
6  AC2 6 ASN A 63 ? ASN A 63  . ? 1_555 ? 
7  AC2 6 HOH F .  ? HOH A 203 . ? 1_555 ? 
8  AC2 6 HOH F .  ? HOH A 207 . ? 1_555 ? 
9  AC3 1 ARG A 66 ? ARG A 66  . ? 4_554 ? 
10 AC4 2 LYS A 35 ? LYS A 35  . ? 1_555 ? 
11 AC4 2 TRP A 57 ? TRP A 57  . ? 1_555 ? 
# 
_atom_sites.entry_id                    6L1C 
_atom_sites.Cartn_transf_matrix[1][1]   ? 
_atom_sites.Cartn_transf_matrix[1][2]   ? 
_atom_sites.Cartn_transf_matrix[1][3]   ? 
_atom_sites.Cartn_transf_matrix[2][1]   ? 
_atom_sites.Cartn_transf_matrix[2][2]   ? 
_atom_sites.Cartn_transf_matrix[2][3]   ? 
_atom_sites.Cartn_transf_matrix[3][1]   ? 
_atom_sites.Cartn_transf_matrix[3][2]   ? 
_atom_sites.Cartn_transf_matrix[3][3]   ? 
_atom_sites.Cartn_transf_vector[1]      ? 
_atom_sites.Cartn_transf_vector[2]      ? 
_atom_sites.Cartn_transf_vector[3]      ? 
_atom_sites.fract_transf_matrix[1][1]   -0.00500435 
_atom_sites.fract_transf_matrix[1][2]   -0.00620848 
_atom_sites.fract_transf_matrix[1][3]   -0.01726985 
_atom_sites.fract_transf_matrix[2][1]   -0.01728373 
_atom_sites.fract_transf_matrix[2][2]   0.00761238 
_atom_sites.fract_transf_matrix[2][3]   0.00227173 
_atom_sites.fract_transf_matrix[3][1]   0.00839281 
_atom_sites.fract_transf_matrix[3][2]   0.02215872 
_atom_sites.fract_transf_matrix[3][3]   -0.01039803 
_atom_sites.fract_transf_vector[1]      -0.289581 
_atom_sites.fract_transf_vector[2]      0.216402 
_atom_sites.fract_transf_vector[3]      0.005333 
_atom_sites.solution_primary            ? 
_atom_sites.solution_secondary          ? 
_atom_sites.solution_hydrogens          ? 
_atom_sites.special_details             ? 
# 
loop_
_atom_type.symbol 
C 
N 
O 
S 
# 
loop_
_atom_site.group_PDB 
_atom_site.id 
_atom_site.type_symbol 
_atom_site.label_atom_id 
_atom_site.label_alt_id 
_atom_site.label_comp_id 
_atom_site.label_asym_id 
_atom_site.label_entity_id 
_atom_site.label_seq_id 
_atom_site.pdbx_PDB_ins_code 
_atom_site.Cartn_x 
_atom_site.Cartn_y 
_atom_site.Cartn_z 
_atom_site.occupancy 
_atom_site.B_iso_or_equiv 
_atom_site.pdbx_formal_charge 
_atom_site.auth_seq_id 
_atom_site.auth_comp_id 
_atom_site.auth_asym_id 
_atom_site.auth_atom_id 
_atom_site.pdbx_PDB_model_num 
ATOM   1   N N   . SER A 1 2  ? 12.928  -0.051  12.061  1.00 31.03 ? 2   SER A N   1 
ATOM   2   C CA  . SER A 1 2  ? 12.296  0.999   12.910  1.00 30.41 ? 2   SER A CA  1 
ATOM   3   C C   . SER A 1 2  ? 10.786  0.747   13.018  1.00 28.95 ? 2   SER A C   1 
ATOM   4   O O   . SER A 1 2  ? 10.220  0.092   12.117  1.00 27.44 ? 2   SER A O   1 
ATOM   5   C CB  . SER A 1 2  ? 12.595  2.381   12.380  1.00 31.33 ? 2   SER A CB  1 
ATOM   6   O OG  . SER A 1 2  ? 11.602  3.314   12.789  1.00 31.93 ? 2   SER A OG  1 
ATOM   7   N N   . HIS A 1 3  ? 10.179  1.275   14.086  1.00 27.25 ? 3   HIS A N   1 
ATOM   8   C CA  . HIS A 1 3  ? 8.753   1.103   14.482  1.00 25.95 ? 3   HIS A CA  1 
ATOM   9   C C   . HIS A 1 3  ? 7.841   2.058   13.702  1.00 24.18 ? 3   HIS A C   1 
ATOM   10  O O   . HIS A 1 3  ? 6.609   1.896   13.798  1.00 22.37 ? 3   HIS A O   1 
ATOM   11  C CB  . HIS A 1 3  ? 8.601   1.340   15.989  1.00 27.00 ? 3   HIS A CB  1 
ATOM   12  C CG  . HIS A 1 3  ? 8.854   2.752   16.404  1.00 27.76 ? 3   HIS A CG  1 
ATOM   13  N ND1 . HIS A 1 3  ? 10.130  3.273   16.528  1.00 29.15 ? 3   HIS A ND1 1 
ATOM   14  C CD2 . HIS A 1 3  ? 8.006   3.752   16.730  1.00 28.52 ? 3   HIS A CD2 1 
ATOM   15  C CE1 . HIS A 1 3  ? 10.054  4.532   16.908  1.00 28.86 ? 3   HIS A CE1 1 
ATOM   16  N NE2 . HIS A 1 3  ? 8.764   4.851   17.040  1.00 29.45 ? 3   HIS A NE2 1 
ATOM   17  N N   . MET A 1 4  ? 8.417   3.037   12.997  1.00 23.07 ? 4   MET A N   1 
ATOM   18  C CA  . MET A 1 4  ? 7.668   4.031   12.184  1.00 22.54 ? 4   MET A CA  1 
ATOM   19  C C   . MET A 1 4  ? 7.850   3.695   10.707  1.00 20.77 ? 4   MET A C   1 
ATOM   20  O O   . MET A 1 4  ? 8.879   3.147   10.312  1.00 19.17 ? 4   MET A O   1 
ATOM   21  C CB  . MET A 1 4  ? 8.160   5.459   12.442  1.00 24.22 ? 4   MET A CB  1 
ATOM   22  C CG  . MET A 1 4  ? 8.114   5.892   13.901  1.00 26.18 ? 4   MET A CG  1 
ATOM   23  S SD  . MET A 1 4  ? 6.489   5.750   14.702  1.00 29.70 ? 4   MET A SD  1 
ATOM   24  C CE  . MET A 1 4  ? 5.402   6.384   13.426  1.00 28.42 ? 4   MET A CE  1 
ATOM   25  N N   . PRO A 1 5  ? 6.858   4.017   9.847   1.00 19.07 ? 5   PRO A N   1 
ATOM   26  C CA  . PRO A 1 5  ? 6.992   3.810   8.408   1.00 19.25 ? 5   PRO A CA  1 
ATOM   27  C C   . PRO A 1 5  ? 8.201   4.572   7.872   1.00 19.13 ? 5   PRO A C   1 
ATOM   28  O O   . PRO A 1 5  ? 8.638   5.548   8.480   1.00 18.10 ? 5   PRO A O   1 
ATOM   29  C CB  . PRO A 1 5  ? 5.686   4.371   7.823   1.00 19.03 ? 5   PRO A CB  1 
ATOM   30  C CG  . PRO A 1 5  ? 4.712   4.372   8.980   1.00 19.07 ? 5   PRO A CG  1 
ATOM   31  C CD  . PRO A 1 5  ? 5.559   4.602   10.214  1.00 19.01 ? 5   PRO A CD  1 
ATOM   32  N N   . PRO A 1 6  ? 8.776   4.159   6.722   1.00 19.60 ? 6   PRO A N   1 
ATOM   33  C CA  . PRO A 1 6  ? 9.889   4.891   6.121   1.00 20.24 ? 6   PRO A CA  1 
ATOM   34  C C   . PRO A 1 6  ? 9.412   6.227   5.539   1.00 20.79 ? 6   PRO A C   1 
ATOM   35  O O   . PRO A 1 6  ? 8.245   6.338   5.211   1.00 20.42 ? 6   PRO A O   1 
ATOM   36  C CB  . PRO A 1 6  ? 10.379  3.944   5.017   1.00 20.27 ? 6   PRO A CB  1 
ATOM   37  C CG  . PRO A 1 6  ? 9.140   3.159   4.635   1.00 20.10 ? 6   PRO A CG  1 
ATOM   38  C CD  . PRO A 1 6  ? 8.376   2.984   5.931   1.00 19.94 ? 6   PRO A CD  1 
ATOM   39  N N   . ASN A 1 7  ? 10.315  7.206   5.442   1.00 21.53 ? 7   ASN A N   1 
ATOM   40  C CA  . ASN A 1 7  ? 10.093  8.455   4.668   1.00 22.24 ? 7   ASN A CA  1 
ATOM   41  C C   . ASN A 1 7  ? 10.130  8.090   3.182   1.00 21.16 ? 7   ASN A C   1 
ATOM   42  O O   . ASN A 1 7  ? 11.230  7.834   2.654   1.00 20.81 ? 7   ASN A O   1 
ATOM   43  C CB  . ASN A 1 7  ? 11.110  9.549   5.000   1.00 24.15 ? 7   ASN A CB  1 
ATOM   44  C CG  . ASN A 1 7  ? 11.038  10.719  4.040   1.00 25.03 ? 7   ASN A CG  1 
ATOM   45  O OD1 . ASN A 1 7  ? 9.966   11.273  3.807   1.00 27.61 ? 7   ASN A OD1 1 
ATOM   46  N ND2 . ASN A 1 7  ? 12.172  11.094  3.470   1.00 26.64 ? 7   ASN A ND2 1 
ATOM   47  N N   . ARG A 1 8  ? 8.955   8.022   2.556   1.00 19.71 ? 8   ARG A N   1 
ATOM   48  C CA  . ARG A 1 8  ? 8.789   7.772   1.105   1.00 18.93 ? 8   ARG A CA  1 
ATOM   49  C C   . ARG A 1 8  ? 7.987   8.938   0.541   1.00 19.51 ? 8   ARG A C   1 
ATOM   50  O O   . ARG A 1 8  ? 6.759   8.925   0.604   1.00 18.69 ? 8   ARG A O   1 
ATOM   51  C CB  . ARG A 1 8  ? 8.125   6.409   0.888   1.00 17.93 ? 8   ARG A CB  1 
ATOM   52  C CG  . ARG A 1 8  ? 8.930   5.256   1.466   1.00 17.22 ? 8   ARG A CG  1 
ATOM   53  C CD  . ARG A 1 8  ? 8.408   3.910   1.016   1.00 16.35 ? 8   ARG A CD  1 
ATOM   54  N NE  . ARG A 1 8  ? 8.671   3.641   -0.390  1.00 15.69 ? 8   ARG A NE  1 
ATOM   55  C CZ  . ARG A 1 8  ? 8.348   2.507   -1.000  1.00 15.47 ? 8   ARG A CZ  1 
ATOM   56  N NH1 . ARG A 1 8  ? 7.745   1.542   -0.325  1.00 15.42 ? 8   ARG A NH1 1 
ATOM   57  N NH2 . ARG A 1 8  ? 8.617   2.346   -2.283  1.00 14.79 ? 8   ARG A NH2 1 
ATOM   58  N N   . PRO A 1 9  ? 8.657   9.994   0.020   1.00 20.31 ? 9   PRO A N   1 
ATOM   59  C CA  . PRO A 1 9  ? 7.971   11.230  -0.349  1.00 20.59 ? 9   PRO A CA  1 
ATOM   60  C C   . PRO A 1 9  ? 6.837   10.932  -1.338  1.00 19.93 ? 9   PRO A C   1 
ATOM   61  O O   . PRO A 1 9  ? 7.068   10.188  -2.273  1.00 19.41 ? 9   PRO A O   1 
ATOM   62  C CB  . PRO A 1 9  ? 9.062   12.110  -0.981  1.00 21.13 ? 9   PRO A CB  1 
ATOM   63  C CG  . PRO A 1 9  ? 10.185  11.148  -1.323  1.00 21.71 ? 9   PRO A CG  1 
ATOM   64  C CD  . PRO A 1 9  ? 10.095  10.042  -0.292  1.00 21.15 ? 9   PRO A CD  1 
ATOM   65  N N   . GLY A 1 10 ? 5.648   11.484  -1.083  1.00 19.86 ? 10  GLY A N   1 
ATOM   66  C CA  . GLY A 1 10 ? 4.449   11.288  -1.920  1.00 19.66 ? 10  GLY A CA  1 
ATOM   67  C C   . GLY A 1 10 ? 3.597   10.118  -1.450  1.00 19.57 ? 10  GLY A C   1 
ATOM   68  O O   . GLY A 1 10 ? 2.492   9.957   -1.993  1.00 20.45 ? 10  GLY A O   1 
ATOM   69  N N   . ILE A 1 11 ? 4.077   9.330   -0.480  1.00 18.88 ? 11  ILE A N   1 
ATOM   70  C CA  . ILE A 1 11 ? 3.275   8.275   0.210   1.00 18.31 ? 11  ILE A CA  1 
ATOM   71  C C   . ILE A 1 11 ? 2.989   8.745   1.639   1.00 17.92 ? 11  ILE A C   1 
ATOM   72  O O   . ILE A 1 11 ? 3.956   8.967   2.396   1.00 18.73 ? 11  ILE A O   1 
ATOM   73  C CB  . ILE A 1 11 ? 3.980   6.901   0.183   1.00 18.43 ? 11  ILE A CB  1 
ATOM   74  C CG1 . ILE A 1 11 ? 4.330   6.474   -1.245  1.00 18.32 ? 11  ILE A CG1 1 
ATOM   75  C CG2 . ILE A 1 11 ? 3.130   5.853   0.894   1.00 18.51 ? 11  ILE A CG2 1 
ATOM   76  C CD1 . ILE A 1 11 ? 5.134   5.194   -1.335  1.00 18.42 ? 11  ILE A CD1 1 
ATOM   77  N N   . THR A 1 12 ? 1.706   8.900   1.977   1.00 17.61 ? 12  THR A N   1 
ATOM   78  C CA  . THR A 1 12 ? 1.206   9.150   3.355   1.00 17.56 ? 12  THR A CA  1 
ATOM   79  C C   . THR A 1 12 ? 0.820   7.802   3.970   1.00 17.44 ? 12  THR A C   1 
ATOM   80  O O   . THR A 1 12 ? -0.062  7.133   3.400   1.00 17.03 ? 12  THR A O   1 
ATOM   81  C CB  . THR A 1 12 ? 0.018   10.123  3.359   1.00 17.85 ? 12  THR A CB  1 
ATOM   82  O OG1 . THR A 1 12 ? 0.413   11.324  2.698   1.00 18.48 ? 12  THR A OG1 1 
ATOM   83  C CG2 . THR A 1 12 ? -0.468  10.460  4.751   1.00 18.10 ? 12  THR A CG2 1 
ATOM   84  N N   . PHE A 1 13 ? 1.458   7.427   5.084   1.00 17.19 ? 13  PHE A N   1 
ATOM   85  C CA  . PHE A 1 13 ? 1.259   6.128   5.776   1.00 17.70 ? 13  PHE A CA  1 
ATOM   86  C C   . PHE A 1 13 ? 0.156   6.295   6.826   1.00 17.89 ? 13  PHE A C   1 
ATOM   87  O O   . PHE A 1 13 ? 0.454   6.345   8.038   1.00 18.79 ? 13  PHE A O   1 
ATOM   88  C CB  . PHE A 1 13 ? 2.581   5.633   6.368   1.00 17.54 ? 13  PHE A CB  1 
ATOM   89  C CG  . PHE A 1 13 ? 3.612   5.248   5.338   1.00 17.66 ? 13  PHE A CG  1 
ATOM   90  C CD1 . PHE A 1 13 ? 3.636   3.969   4.808   1.00 17.73 ? 13  PHE A CD1 1 
ATOM   91  C CD2 . PHE A 1 13 ? 4.557   6.163   4.898   1.00 17.87 ? 13  PHE A CD2 1 
ATOM   92  C CE1 . PHE A 1 13 ? 4.585   3.609   3.862   1.00 17.94 ? 13  PHE A CE1 1 
ATOM   93  C CE2 . PHE A 1 13 ? 5.499   5.806   3.948   1.00 17.98 ? 13  PHE A CE2 1 
ATOM   94  C CZ  . PHE A 1 13 ? 5.516   4.528   3.438   1.00 17.98 ? 13  PHE A CZ  1 
ATOM   95  N N   . GLU A 1 14 ? -1.088  6.415   6.357   1.00 18.45 ? 14  GLU A N   1 
ATOM   96  C CA  . GLU A 1 14 ? -2.298  6.527   7.213   1.00 19.26 ? 14  GLU A CA  1 
ATOM   97  C C   . GLU A 1 14 ? -3.427  5.707   6.583   1.00 18.24 ? 14  GLU A C   1 
ATOM   98  O O   . GLU A 1 14 ? -3.458  5.583   5.341   1.00 17.40 ? 14  GLU A O   1 
ATOM   99  C CB  . GLU A 1 14 ? -2.707  7.993   7.381   1.00 21.13 ? 14  GLU A CB  1 
ATOM   100 C CG  . GLU A 1 14 ? -3.284  8.606   6.119   1.00 23.22 ? 14  GLU A CG  1 
ATOM   101 C CD  . GLU A 1 14 ? -3.638  10.081  6.197   1.00 24.63 ? 14  GLU A CD  1 
ATOM   102 O OE1 . GLU A 1 14 ? -3.333  10.714  7.228   1.00 26.64 ? 14  GLU A OE1 1 
ATOM   103 O OE2 . GLU A 1 14 ? -4.222  10.593  5.218   1.00 27.77 ? 14  GLU A OE2 1 
ATOM   104 N N   . ILE A 1 15 ? -4.330  5.193   7.415   1.00 17.98 ? 15  ILE A N   1 
ATOM   105 C CA  . ILE A 1 15 ? -5.543  4.446   6.970   1.00 17.85 ? 15  ILE A CA  1 
ATOM   106 C C   . ILE A 1 15 ? -6.344  5.355   6.032   1.00 17.18 ? 15  ILE A C   1 
ATOM   107 O O   . ILE A 1 15 ? -6.645  6.491   6.432   1.00 16.60 ? 15  ILE A O   1 
ATOM   108 C CB  . ILE A 1 15 ? -6.385  3.993   8.179   1.00 18.17 ? 15  ILE A CB  1 
ATOM   109 C CG1 . ILE A 1 15 ? -5.580  3.140   9.165   1.00 18.84 ? 15  ILE A CG1 1 
ATOM   110 C CG2 . ILE A 1 15 ? -7.651  3.286   7.716   1.00 18.05 ? 15  ILE A CG2 1 
ATOM   111 C CD1 . ILE A 1 15 ? -4.967  1.902   8.565   1.00 19.01 ? 15  ILE A CD1 1 
ATOM   112 N N   . GLY A 1 16 ? -6.660  4.869   4.829   1.00 16.32 ? 16  GLY A N   1 
ATOM   113 C CA  . GLY A 1 16 ? -7.509  5.571   3.847   1.00 16.20 ? 16  GLY A CA  1 
ATOM   114 C C   . GLY A 1 16 ? -6.716  6.462   2.907   1.00 15.99 ? 16  GLY A C   1 
ATOM   115 O O   . GLY A 1 16 ? -7.331  7.010   1.967   1.00 16.93 ? 16  GLY A O   1 
ATOM   116 N N   . ALA A 1 17 ? -5.406  6.609   3.129   1.00 15.45 ? 17  ALA A N   1 
ATOM   117 C CA  . ALA A 1 17 ? -4.500  7.306   2.190   1.00 14.83 ? 17  ALA A CA  1 
ATOM   118 C C   . ALA A 1 17 ? -4.387  6.464   0.922   1.00 14.76 ? 17  ALA A C   1 
ATOM   119 O O   . ALA A 1 17 ? -4.509  5.219   1.008   1.00 15.10 ? 17  ALA A O   1 
ATOM   120 C CB  . ALA A 1 17 ? -3.146  7.563   2.795   1.00 15.04 ? 17  ALA A CB  1 
ATOM   121 N N   . ARG A 1 18 ? -4.174  7.137   -0.204  1.00 14.20 ? 18  ARG A N   1 
ATOM   122 C CA  . ARG A 1 18 ? -4.109  6.510   -1.542  1.00 14.06 ? 18  ARG A CA  1 
ATOM   123 C C   . ARG A 1 18 ? -2.659  6.535   -2.019  1.00 13.90 ? 18  ARG A C   1 
ATOM   124 O O   . ARG A 1 18 ? -1.907  7.438   -1.607  1.00 13.98 ? 18  ARG A O   1 
ATOM   125 C CB  . ARG A 1 18 ? -5.059  7.236   -2.495  1.00 14.04 ? 18  ARG A CB  1 
ATOM   126 C CG  . ARG A 1 18 ? -6.512  7.156   -2.055  1.00 14.05 ? 18  ARG A CG  1 
ATOM   127 C CD  . ARG A 1 18 ? -7.409  7.999   -2.930  1.00 13.83 ? 18  ARG A CD  1 
ATOM   128 N NE  . ARG A 1 18 ? -7.578  7.404   -4.250  1.00 13.72 ? 18  ARG A NE  1 
ATOM   129 C CZ  . ARG A 1 18 ? -7.630  8.076   -5.394  1.00 13.98 ? 18  ARG A CZ  1 
ATOM   130 N NH1 . ARG A 1 18 ? -7.813  7.421   -6.528  1.00 14.04 ? 18  ARG A NH1 1 
ATOM   131 N NH2 . ARG A 1 18 ? -7.492  9.392   -5.411  1.00 14.63 ? 18  ARG A NH2 1 
ATOM   132 N N   . LEU A 1 19 ? -2.298  5.532   -2.812  1.00 13.88 ? 19  LEU A N   1 
ATOM   133 C CA  . LEU A 1 19 ? -0.975  5.394   -3.472  1.00 13.82 ? 19  LEU A CA  1 
ATOM   134 C C   . LEU A 1 19 ? -1.180  4.534   -4.722  1.00 13.97 ? 19  LEU A C   1 
ATOM   135 O O   . LEU A 1 19 ? -2.340  4.167   -5.004  1.00 13.26 ? 19  LEU A O   1 
ATOM   136 C CB  . LEU A 1 19 ? 0.044   4.790   -2.492  1.00 14.19 ? 19  LEU A CB  1 
ATOM   137 C CG  . LEU A 1 19 ? -0.396  3.588   -1.652  1.00 14.49 ? 19  LEU A CG  1 
ATOM   138 C CD1 . LEU A 1 19 ? -0.640  2.358   -2.512  1.00 14.55 ? 19  LEU A CD1 1 
ATOM   139 C CD2 . LEU A 1 19 ? 0.641   3.274   -0.585  1.00 14.60 ? 19  LEU A CD2 1 
ATOM   140 N N   . GLU A 1 20 ? -0.119  4.238   -5.468  1.00 14.48 ? 20  GLU A N   1 
ATOM   141 C CA  . GLU A 1 20 ? -0.198  3.236   -6.558  1.00 15.25 ? 20  GLU A CA  1 
ATOM   142 C C   . GLU A 1 20 ? 0.484   1.960   -6.062  1.00 14.31 ? 20  GLU A C   1 
ATOM   143 O O   . GLU A 1 20 ? 1.513   2.062   -5.361  1.00 14.00 ? 20  GLU A O   1 
ATOM   144 C CB  . GLU A 1 20 ? 0.389   3.772   -7.861  1.00 16.89 ? 20  GLU A CB  1 
ATOM   145 C CG  . GLU A 1 20 ? -0.429  3.362   -9.073  1.00 18.67 ? 20  GLU A CG  1 
ATOM   146 C CD  . GLU A 1 20 ? 0.008   4.013   -10.369 1.00 19.95 ? 20  GLU A CD  1 
ATOM   147 O OE1 . GLU A 1 20 ? 1.146   4.514   -10.413 1.00 21.58 ? 20  GLU A OE1 1 
ATOM   148 O OE2 . GLU A 1 20 ? -0.790  4.015   -11.327 1.00 22.67 ? 20  GLU A OE2 1 
ATOM   149 N N   . ALA A 1 21 ? -0.115  0.808   -6.365  1.00 13.11 ? 21  ALA A N   1 
ATOM   150 C CA  . ALA A 1 21 ? 0.371   -0.518  -5.931  1.00 12.52 ? 21  ALA A CA  1 
ATOM   151 C C   . ALA A 1 21 ? 0.440   -1.457  -7.136  1.00 12.65 ? 21  ALA A C   1 
ATOM   152 O O   . ALA A 1 21 ? -0.442  -1.386  -8.015  1.00 12.65 ? 21  ALA A O   1 
ATOM   153 C CB  . ALA A 1 21 ? -0.508  -1.069  -4.835  1.00 11.97 ? 21  ALA A CB  1 
ATOM   154 N N   . LEU A 1 22 ? 1.496   -2.270  -7.173  1.00 12.35 ? 22  LEU A N   1 
ATOM   155 C CA  . LEU A 1 22 ? 1.762   -3.274  -8.230  1.00 12.36 ? 22  LEU A CA  1 
ATOM   156 C C   . LEU A 1 22 ? 1.090   -4.588  -7.825  1.00 12.19 ? 22  LEU A C   1 
ATOM   157 O O   . LEU A 1 22 ? 1.420   -5.113  -6.736  1.00 11.61 ? 22  LEU A O   1 
ATOM   158 C CB  . LEU A 1 22 ? 3.277   -3.439  -8.370  1.00 12.47 ? 22  LEU A CB  1 
ATOM   159 C CG  . LEU A 1 22 ? 3.731   -4.357  -9.502  1.00 12.71 ? 22  LEU A CG  1 
ATOM   160 C CD1 . LEU A 1 22 ? 3.513   -3.699  -10.853 1.00 13.17 ? 22  LEU A CD1 1 
ATOM   161 C CD2 . LEU A 1 22 ? 5.189   -4.754  -9.322  1.00 12.79 ? 22  LEU A CD2 1 
ATOM   162 N N   . ASP A 1 23 ? 0.178   -5.099  -8.653  1.00 12.53 ? 23  ASP A N   1 
ATOM   163 C CA  . ASP A 1 23 ? -0.572  -6.344  -8.344  1.00 12.94 ? 23  ASP A CA  1 
ATOM   164 C C   . ASP A 1 23 ? 0.312   -7.551  -8.686  1.00 13.29 ? 23  ASP A C   1 
ATOM   165 O O   . ASP A 1 23 ? 1.472   -7.354  -9.104  1.00 13.10 ? 23  ASP A O   1 
ATOM   166 C CB  . ASP A 1 23 ? -1.942  -6.352  -9.026  1.00 13.09 ? 23  ASP A CB  1 
ATOM   167 C CG  . ASP A 1 23 ? -1.946  -6.727  -10.498 1.00 13.37 ? 23  ASP A CG  1 
ATOM   168 O OD1 . ASP A 1 23 ? -0.857  -6.843  -11.097 1.00 13.02 ? 23  ASP A OD1 1 
ATOM   169 O OD2 . ASP A 1 23 ? -3.046  -6.910  -11.032 1.00 13.68 ? 23  ASP A OD2 1 
ATOM   170 N N   . LEU A 1 24 ? -0.221  -8.761  -8.521  1.00 14.10 ? 24  LEU A N   1 
ATOM   171 C CA  . LEU A 1 24 ? 0.554   -10.020 -8.678  1.00 14.69 ? 24  LEU A CA  1 
ATOM   172 C C   . LEU A 1 24 ? 0.727   -10.362 -10.164 1.00 15.69 ? 24  LEU A C   1 
ATOM   173 O O   . LEU A 1 24 ? 1.412   -11.360 -10.454 1.00 16.57 ? 24  LEU A O   1 
ATOM   174 C CB  . LEU A 1 24 ? -0.156  -11.142 -7.913  1.00 14.74 ? 24  LEU A CB  1 
ATOM   175 C CG  . LEU A 1 24 ? -0.170  -10.981 -6.394  1.00 14.43 ? 24  LEU A CG  1 
ATOM   176 C CD1 . LEU A 1 24 ? -0.941  -12.112 -5.734  1.00 14.64 ? 24  LEU A CD1 1 
ATOM   177 C CD2 . LEU A 1 24 ? 1.246   -10.894 -5.834  1.00 14.53 ? 24  LEU A CD2 1 
ATOM   178 N N   . LEU A 1 25 ? 0.151   -9.563  -11.066 1.00 16.92 ? 25  LEU A N   1 
ATOM   179 C CA  . LEU A 1 25 ? 0.319   -9.699  -12.539 1.00 17.74 ? 25  LEU A CA  1 
ATOM   180 C C   . LEU A 1 25 ? 1.116   -8.499  -13.071 1.00 18.70 ? 25  LEU A C   1 
ATOM   181 O O   . LEU A 1 25 ? 1.092   -8.266  -14.294 1.00 19.97 ? 25  LEU A O   1 
ATOM   182 C CB  . LEU A 1 25 ? -1.071  -9.822  -13.171 1.00 17.92 ? 25  LEU A CB  1 
ATOM   183 C CG  . LEU A 1 25 ? -1.906  -11.004 -12.672 1.00 18.02 ? 25  LEU A CG  1 
ATOM   184 C CD1 . LEU A 1 25 ? -3.321  -10.949 -13.228 1.00 18.25 ? 25  LEU A CD1 1 
ATOM   185 C CD2 . LEU A 1 25 ? -1.244  -12.328 -13.022 1.00 18.10 ? 25  LEU A CD2 1 
ATOM   186 N N   . GLN A 1 26 ? 1.813   -7.790  -12.172 1.00 19.59 ? 26  GLN A N   1 
ATOM   187 C CA  . GLN A 1 26 ? 2.786   -6.701  -12.460 1.00 20.06 ? 26  GLN A CA  1 
ATOM   188 C C   . GLN A 1 26 ? 2.095   -5.539  -13.194 1.00 19.31 ? 26  GLN A C   1 
ATOM   189 O O   . GLN A 1 26 ? 2.727   -4.930  -14.080 1.00 19.94 ? 26  GLN A O   1 
ATOM   190 C CB  . GLN A 1 26 ? 3.996   -7.264  -13.215 1.00 21.82 ? 26  GLN A CB  1 
ATOM   191 C CG  . GLN A 1 26 ? 4.985   -7.994  -12.313 1.00 23.33 ? 26  GLN A CG  1 
ATOM   192 C CD  . GLN A 1 26 ? 4.922   -9.500  -12.416 1.00 24.62 ? 26  GLN A CD  1 
ATOM   193 O OE1 . GLN A 1 26 ? 3.859   -10.110 -12.336 1.00 26.46 ? 26  GLN A OE1 1 
ATOM   194 N NE2 . GLN A 1 26 ? 6.080   -10.116 -12.588 1.00 26.73 ? 26  GLN A NE2 1 
ATOM   195 N N   . LYS A 1 27 ? 0.859   -5.218  -12.801 1.00 18.13 ? 27  LYS A N   1 
ATOM   196 C CA  . LYS A 1 27 ? 0.094   -4.036  -13.286 1.00 17.38 ? 27  LYS A CA  1 
ATOM   197 C C   . LYS A 1 27 ? -0.099  -3.060  -12.118 1.00 16.31 ? 27  LYS A C   1 
ATOM   198 O O   . LYS A 1 27 ? -0.408  -3.526  -11.001 1.00 15.59 ? 27  LYS A O   1 
ATOM   199 C CB  . LYS A 1 27 ? -1.251  -4.476  -13.871 1.00 18.07 ? 27  LYS A CB  1 
ATOM   200 C CG  . LYS A 1 27 ? -1.159  -5.310  -15.143 1.00 18.74 ? 27  LYS A CG  1 
ATOM   201 C CD  . LYS A 1 27 ? -2.468  -5.956  -15.557 1.00 19.59 ? 27  LYS A CD  1 
ATOM   202 C CE  . LYS A 1 27 ? -2.888  -7.110  -14.667 1.00 19.64 ? 27  LYS A CE  1 
ATOM   203 N NZ  . LYS A 1 27 ? -3.994  -6.757  -13.742 1.00 19.16 ? 27  LYS A NZ  1 
ATOM   204 N N   . TRP A 1 28 ? 0.086   -1.760  -12.370 1.00 15.52 ? 28  TRP A N   1 
ATOM   205 C CA  . TRP A 1 28 ? -0.077  -0.679  -11.361 1.00 14.77 ? 28  TRP A CA  1 
ATOM   206 C C   . TRP A 1 28 ? -1.544  -0.235  -11.313 1.00 14.08 ? 28  TRP A C   1 
ATOM   207 O O   . TRP A 1 28 ? -2.136  -0.011  -12.384 1.00 13.61 ? 28  TRP A O   1 
ATOM   208 C CB  . TRP A 1 28 ? 0.849   0.506   -11.660 1.00 14.70 ? 28  TRP A CB  1 
ATOM   209 C CG  . TRP A 1 28 ? 2.308   0.229   -11.470 1.00 15.00 ? 28  TRP A CG  1 
ATOM   210 C CD1 . TRP A 1 28 ? 3.220   -0.051  -12.446 1.00 15.58 ? 28  TRP A CD1 1 
ATOM   211 C CD2 . TRP A 1 28 ? 3.042   0.242   -10.232 1.00 15.07 ? 28  TRP A CD2 1 
ATOM   212 N NE1 . TRP A 1 28 ? 4.463   -0.227  -11.902 1.00 15.66 ? 28  TRP A NE1 1 
ATOM   213 C CE2 . TRP A 1 28 ? 4.387   -0.054  -10.546 1.00 15.11 ? 28  TRP A CE2 1 
ATOM   214 C CE3 . TRP A 1 28 ? 2.697   0.463   -8.892  1.00 14.88 ? 28  TRP A CE3 1 
ATOM   215 C CZ2 . TRP A 1 28 ? 5.380   -0.130  -9.570  1.00 15.16 ? 28  TRP A CZ2 1 
ATOM   216 C CZ3 . TRP A 1 28 ? 3.680   0.389   -7.930  1.00 14.77 ? 28  TRP A CZ3 1 
ATOM   217 C CH2 . TRP A 1 28 ? 5.003   0.094   -8.267  1.00 14.78 ? 28  TRP A CH2 1 
ATOM   218 N N   . TYR A 1 29 ? -2.096  -0.101  -10.106 1.00 13.36 ? 29  TYR A N   1 
ATOM   219 C CA  . TYR A 1 29 ? -3.464  0.423   -9.866  1.00 13.28 ? 29  TYR A CA  1 
ATOM   220 C C   . TYR A 1 29 ? -3.454  1.419   -8.719  1.00 12.73 ? 29  TYR A C   1 
ATOM   221 O O   . TYR A 1 29 ? -2.762  1.210   -7.723  1.00 12.07 ? 29  TYR A O   1 
ATOM   222 C CB  . TYR A 1 29 ? -4.430  -0.714  -9.539  1.00 13.60 ? 29  TYR A CB  1 
ATOM   223 C CG  . TYR A 1 29 ? -4.583  -1.692  -10.671 1.00 13.79 ? 29  TYR A CG  1 
ATOM   224 C CD1 . TYR A 1 29 ? -5.258  -1.331  -11.823 1.00 14.40 ? 29  TYR A CD1 1 
ATOM   225 C CD2 . TYR A 1 29 ? -4.026  -2.958  -10.608 1.00 13.90 ? 29  TYR A CD2 1 
ATOM   226 C CE1 . TYR A 1 29 ? -5.392  -2.207  -12.885 1.00 14.71 ? 29  TYR A CE1 1 
ATOM   227 C CE2 . TYR A 1 29 ? -4.149  -3.847  -11.663 1.00 14.31 ? 29  TYR A CE2 1 
ATOM   228 C CZ  . TYR A 1 29 ? -4.836  -3.471  -12.806 1.00 14.67 ? 29  TYR A CZ  1 
ATOM   229 O OH  . TYR A 1 29 ? -4.977  -4.331  -13.855 1.00 15.74 ? 29  TYR A OH  1 
ATOM   230 N N   . PRO A 1 30 ? -4.244  2.511   -8.823  1.00 12.51 ? 30  PRO A N   1 
ATOM   231 C CA  . PRO A 1 30 ? -4.535  3.353   -7.669  1.00 12.36 ? 30  PRO A CA  1 
ATOM   232 C C   . PRO A 1 30 ? -5.096  2.445   -6.569  1.00 12.16 ? 30  PRO A C   1 
ATOM   233 O O   . PRO A 1 30 ? -5.924  1.591   -6.859  1.00 12.09 ? 30  PRO A O   1 
ATOM   234 C CB  . PRO A 1 30 ? -5.559  4.375   -8.181  1.00 12.58 ? 30  PRO A CB  1 
ATOM   235 C CG  . PRO A 1 30 ? -5.338  4.393   -9.681  1.00 12.66 ? 30  PRO A CG  1 
ATOM   236 C CD  . PRO A 1 30 ? -4.917  2.985   -10.043 1.00 12.63 ? 30  PRO A CD  1 
ATOM   237 N N   . SER A 1 31 ? -4.597  2.612   -5.348  1.00 12.20 ? 31  SER A N   1 
ATOM   238 C CA  . SER A 1 31 ? -4.901  1.715   -4.208  1.00 12.34 ? 31  SER A CA  1 
ATOM   239 C C   . SER A 1 31 ? -5.056  2.529   -2.927  1.00 12.90 ? 31  SER A C   1 
ATOM   240 O O   . SER A 1 31 ? -4.621  3.699   -2.901  1.00 13.70 ? 31  SER A O   1 
ATOM   241 C CB  . SER A 1 31 ? -3.840  0.661   -4.071  1.00 12.08 ? 31  SER A CB  1 
ATOM   242 O OG  . SER A 1 31 ? -3.767  -0.125  -5.252  1.00 11.79 ? 31  SER A OG  1 
ATOM   243 N N   . ARG A 1 32 ? -5.661  1.910   -1.914  1.00 13.46 ? 32  ARG A N   1 
ATOM   244 C CA  A ARG A 1 32 ? -5.955  2.541   -0.601  0.54 13.54 ? 32  ARG A CA  1 
ATOM   245 C CA  B ARG A 1 32 ? -5.949  2.547   -0.601  0.46 13.80 ? 32  ARG A CA  1 
ATOM   246 C C   . ARG A 1 32 ? -5.357  1.682   0.518   1.00 13.60 ? 32  ARG A C   1 
ATOM   247 O O   . ARG A 1 32 ? -5.448  0.440   0.419   1.00 13.05 ? 32  ARG A O   1 
ATOM   248 C CB  A ARG A 1 32 ? -7.470  2.690   -0.426  0.54 13.77 ? 32  ARG A CB  1 
ATOM   249 C CB  B ARG A 1 32 ? -7.462  2.719   -0.428  0.46 14.40 ? 32  ARG A CB  1 
ATOM   250 C CG  A ARG A 1 32 ? -7.916  2.863   1.018   0.54 14.11 ? 32  ARG A CG  1 
ATOM   251 C CG  B ARG A 1 32 ? -7.887  3.526   0.792   0.46 15.11 ? 32  ARG A CG  1 
ATOM   252 C CD  A ARG A 1 32 ? -9.387  3.207   1.140   0.54 14.19 ? 32  ARG A CD  1 
ATOM   253 C CD  B ARG A 1 32 ? -9.390  3.426   0.983   0.46 15.63 ? 32  ARG A CD  1 
ATOM   254 N NE  A ARG A 1 32 ? -10.257 2.036   1.113   0.54 14.24 ? 32  ARG A NE  1 
ATOM   255 N NE  B ARG A 1 32 ? -9.908  4.192   2.108   0.46 16.17 ? 32  ARG A NE  1 
ATOM   256 C CZ  A ARG A 1 32 ? -11.065 1.680   0.114   0.54 14.30 ? 32  ARG A CZ  1 
ATOM   257 C CZ  B ARG A 1 32 ? -10.057 3.719   3.342   0.46 16.47 ? 32  ARG A CZ  1 
ATOM   258 N NH1 A ARG A 1 32 ? -11.141 2.399   -0.995  0.54 14.33 ? 32  ARG A NH1 1 
ATOM   259 N NH1 B ARG A 1 32 ? -9.698  2.479   3.629   0.46 16.84 ? 32  ARG A NH1 1 
ATOM   260 N NH2 A ARG A 1 32 ? -11.809 0.594   0.237   0.54 14.40 ? 32  ARG A NH2 1 
ATOM   261 N NH2 B ARG A 1 32 ? -10.537 4.500   4.294   0.46 16.82 ? 32  ARG A NH2 1 
ATOM   262 N N   . ILE A 1 33 ? -4.790  2.331   1.534   1.00 13.36 ? 33  ILE A N   1 
ATOM   263 C CA  . ILE A 1 33 ? -4.305  1.665   2.778   1.00 13.43 ? 33  ILE A CA  1 
ATOM   264 C C   . ILE A 1 33 ? -5.524  1.349   3.655   1.00 14.08 ? 33  ILE A C   1 
ATOM   265 O O   . ILE A 1 33 ? -6.226  2.296   4.064   1.00 14.53 ? 33  ILE A O   1 
ATOM   266 C CB  . ILE A 1 33 ? -3.277  2.544   3.514   1.00 13.19 ? 33  ILE A CB  1 
ATOM   267 C CG1 . ILE A 1 33 ? -2.073  2.858   2.621   1.00 12.95 ? 33  ILE A CG1 1 
ATOM   268 C CG2 . ILE A 1 33 ? -2.863  1.888   4.822   1.00 12.89 ? 33  ILE A CG2 1 
ATOM   269 C CD1 . ILE A 1 33 ? -1.104  3.861   3.206   1.00 13.15 ? 33  ILE A CD1 1 
ATOM   270 N N   . GLU A 1 34 ? -5.763  0.064   3.923   1.00 14.91 ? 34  GLU A N   1 
ATOM   271 C CA  . GLU A 1 34 ? -6.912  -0.427  4.732   1.00 15.67 ? 34  GLU A CA  1 
ATOM   272 C C   . GLU A 1 34 ? -6.492  -0.553  6.200   1.00 15.41 ? 34  GLU A C   1 
ATOM   273 O O   . GLU A 1 34 ? -7.313  -0.227  7.083   1.00 16.24 ? 34  GLU A O   1 
ATOM   274 C CB  . GLU A 1 34 ? -7.389  -1.786  4.218   1.00 16.42 ? 34  GLU A CB  1 
ATOM   275 C CG  . GLU A 1 34 ? -7.884  -1.756  2.785   1.00 17.49 ? 34  GLU A CG  1 
ATOM   276 C CD  . GLU A 1 34 ? -9.206  -1.032  2.612   1.00 18.91 ? 34  GLU A CD  1 
ATOM   277 O OE1 . GLU A 1 34 ? -10.259 -1.679  2.766   1.00 19.95 ? 34  GLU A OE1 1 
ATOM   278 O OE2 . GLU A 1 34 ? -9.175  0.182   2.348   1.00 21.40 ? 34  GLU A OE2 1 
ATOM   279 N N   . LYS A 1 35 ? -5.271  -1.041  6.438   1.00 15.36 ? 35  LYS A N   1 
ATOM   280 C CA  . LYS A 1 35 ? -4.720  -1.344  7.784   1.00 15.56 ? 35  LYS A CA  1 
ATOM   281 C C   . LYS A 1 35 ? -3.209  -1.122  7.765   1.00 15.08 ? 35  LYS A C   1 
ATOM   282 O O   . LYS A 1 35 ? -2.614  -1.305  6.698   1.00 14.31 ? 35  LYS A O   1 
ATOM   283 C CB  . LYS A 1 35 ? -4.978  -2.806  8.151   1.00 16.61 ? 35  LYS A CB  1 
ATOM   284 C CG  . LYS A 1 35 ? -6.434  -3.187  8.356   1.00 17.88 ? 35  LYS A CG  1 
ATOM   285 C CD  . LYS A 1 35 ? -6.588  -4.565  8.949   1.00 19.26 ? 35  LYS A CD  1 
ATOM   286 C CE  . LYS A 1 35 ? -8.030  -4.999  9.093   1.00 20.33 ? 35  LYS A CE  1 
ATOM   287 N NZ  . LYS A 1 35 ? -8.131  -6.324  9.748   1.00 21.52 ? 35  LYS A NZ  1 
ATOM   288 N N   . ILE A 1 36 ? -2.611  -0.793  8.913   1.00 14.88 ? 36  ILE A N   1 
ATOM   289 C CA  . ILE A 1 36 ? -1.128  -0.720  9.062   1.00 14.72 ? 36  ILE A CA  1 
ATOM   290 C C   . ILE A 1 36 ? -0.709  -1.578  10.260  1.00 14.70 ? 36  ILE A C   1 
ATOM   291 O O   . ILE A 1 36 ? -1.201  -1.329  11.378  1.00 14.91 ? 36  ILE A O   1 
ATOM   292 C CB  . ILE A 1 36 ? -0.643  0.737   9.183   1.00 14.41 ? 36  ILE A CB  1 
ATOM   293 C CG1 . ILE A 1 36 ? -1.062  1.559   7.959   1.00 14.20 ? 36  ILE A CG1 1 
ATOM   294 C CG2 . ILE A 1 36 ? 0.863   0.779   9.413   1.00 14.52 ? 36  ILE A CG2 1 
ATOM   295 C CD1 . ILE A 1 36 ? -0.760  3.037   8.060   1.00 14.13 ? 36  ILE A CD1 1 
ATOM   296 N N   . ASP A 1 37 ? 0.149   -2.565  10.004  1.00 14.33 ? 37  ASP A N   1 
ATOM   297 C CA  . ASP A 1 37 ? 0.788   -3.432  11.027  1.00 14.75 ? 37  ASP A CA  1 
ATOM   298 C C   . ASP A 1 37 ? 2.189   -2.879  11.315  1.00 14.63 ? 37  ASP A C   1 
ATOM   299 O O   . ASP A 1 37 ? 3.092   -3.102  10.489  1.00 14.25 ? 37  ASP A O   1 
ATOM   300 C CB  . ASP A 1 37 ? 0.800   -4.885  10.547  1.00 15.35 ? 37  ASP A CB  1 
ATOM   301 C CG  . ASP A 1 37 ? 1.340   -5.870  11.566  1.00 16.26 ? 37  ASP A CG  1 
ATOM   302 O OD1 . ASP A 1 37 ? 2.144   -5.450  12.421  1.00 16.77 ? 37  ASP A OD1 1 
ATOM   303 O OD2 . ASP A 1 37 ? 0.947   -7.047  11.495  1.00 17.33 ? 37  ASP A OD2 1 
ATOM   304 N N   . TYR A 1 38 ? 2.366   -2.202  12.456  1.00 14.82 ? 38  TYR A N   1 
ATOM   305 C CA  . TYR A 1 38 ? 3.631   -1.518  12.840  1.00 15.18 ? 38  TYR A CA  1 
ATOM   306 C C   . TYR A 1 38 ? 4.652   -2.534  13.360  1.00 15.33 ? 38  TYR A C   1 
ATOM   307 O O   . TYR A 1 38 ? 5.856   -2.224  13.342  1.00 15.33 ? 38  TYR A O   1 
ATOM   308 C CB  . TYR A 1 38 ? 3.370   -0.425  13.879  1.00 15.19 ? 38  TYR A CB  1 
ATOM   309 C CG  . TYR A 1 38 ? 2.529   0.705   13.349  1.00 15.26 ? 38  TYR A CG  1 
ATOM   310 C CD1 . TYR A 1 38 ? 3.102   1.775   12.679  1.00 15.44 ? 38  TYR A CD1 1 
ATOM   311 C CD2 . TYR A 1 38 ? 1.151   0.677   13.472  1.00 15.76 ? 38  TYR A CD2 1 
ATOM   312 C CE1 . TYR A 1 38 ? 2.327   2.803   12.168  1.00 15.86 ? 38  TYR A CE1 1 
ATOM   313 C CE2 . TYR A 1 38 ? 0.361   1.695   12.963  1.00 15.92 ? 38  TYR A CE2 1 
ATOM   314 C CZ  . TYR A 1 38 ? 0.951   2.762   12.311  1.00 16.27 ? 38  TYR A CZ  1 
ATOM   315 O OH  . TYR A 1 38 ? 0.170   3.766   11.811  1.00 17.30 ? 38  TYR A OH  1 
ATOM   316 N N   . GLU A 1 39 ? 4.189   -3.704  13.807  1.00 15.74 ? 39  GLU A N   1 
ATOM   317 C CA  . GLU A 1 39 ? 5.061   -4.791  14.321  1.00 16.61 ? 39  GLU A CA  1 
ATOM   318 C C   . GLU A 1 39 ? 5.757   -5.469  13.137  1.00 17.05 ? 39  GLU A C   1 
ATOM   319 O O   . GLU A 1 39 ? 6.990   -5.600  13.181  1.00 18.07 ? 39  GLU A O   1 
ATOM   320 C CB  . GLU A 1 39 ? 4.242   -5.783  15.144  1.00 17.02 ? 39  GLU A CB  1 
ATOM   321 C CG  . GLU A 1 39 ? 3.605   -5.153  16.366  1.00 17.44 ? 39  GLU A CG  1 
ATOM   322 C CD  . GLU A 1 39 ? 2.973   -6.154  17.315  1.00 17.72 ? 39  GLU A CD  1 
ATOM   323 O OE1 . GLU A 1 39 ? 1.758   -6.397  17.185  1.00 18.09 ? 39  GLU A OE1 1 
ATOM   324 O OE2 . GLU A 1 39 ? 3.701   -6.691  18.173  1.00 18.12 ? 39  GLU A OE2 1 
ATOM   325 N N   . GLU A 1 40 ? 4.987   -5.856  12.117  1.00 17.93 ? 40  GLU A N   1 
ATOM   326 C CA  . GLU A 1 40 ? 5.484   -6.568  10.910  1.00 18.30 ? 40  GLU A CA  1 
ATOM   327 C C   . GLU A 1 40 ? 6.011   -5.568  9.874   1.00 17.12 ? 40  GLU A C   1 
ATOM   328 O O   . GLU A 1 40 ? 6.735   -6.008  8.965   1.00 17.57 ? 40  GLU A O   1 
ATOM   329 C CB  . GLU A 1 40 ? 4.376   -7.441  10.316  1.00 20.08 ? 40  GLU A CB  1 
ATOM   330 C CG  . GLU A 1 40 ? 4.147   -8.719  11.100  1.00 22.15 ? 40  GLU A CG  1 
ATOM   331 C CD  . GLU A 1 40 ? 5.312   -9.692  11.026  1.00 23.83 ? 40  GLU A CD  1 
ATOM   332 O OE1 . GLU A 1 40 ? 5.747   -10.176 12.089  1.00 26.53 ? 40  GLU A OE1 1 
ATOM   333 O OE2 . GLU A 1 40 ? 5.792   -9.952  9.901   1.00 27.09 ? 40  GLU A OE2 1 
ATOM   334 N N   . GLY A 1 41 ? 5.667   -4.282  9.995   1.00 15.83 ? 41  GLY A N   1 
ATOM   335 C CA  . GLY A 1 41 ? 6.070   -3.247  9.025   1.00 15.07 ? 41  GLY A CA  1 
ATOM   336 C C   . GLY A 1 41 ? 5.436   -3.504  7.671   1.00 15.00 ? 41  GLY A C   1 
ATOM   337 O O   . GLY A 1 41 ? 6.144   -3.469  6.643   1.00 14.26 ? 41  GLY A O   1 
ATOM   338 N N   . LYS A 1 42 ? 4.134   -3.769  7.663   1.00 14.94 ? 42  LYS A N   1 
ATOM   339 C CA  . LYS A 1 42 ? 3.390   -4.057  6.414   1.00 15.69 ? 42  LYS A CA  1 
ATOM   340 C C   . LYS A 1 42 ? 2.010   -3.412  6.502   1.00 15.11 ? 42  LYS A C   1 
ATOM   341 O O   . LYS A 1 42 ? 1.530   -3.161  7.621   1.00 15.42 ? 42  LYS A O   1 
ATOM   342 C CB  . LYS A 1 42 ? 3.301   -5.565  6.169   1.00 17.59 ? 42  LYS A CB  1 
ATOM   343 C CG  . LYS A 1 42 ? 2.545   -6.365  7.217   1.00 19.14 ? 42  LYS A CG  1 
ATOM   344 C CD  . LYS A 1 42 ? 2.645   -7.854  6.986   1.00 20.52 ? 42  LYS A CD  1 
ATOM   345 C CE  . LYS A 1 42 ? 1.568   -8.648  7.692   1.00 21.66 ? 42  LYS A CE  1 
ATOM   346 N NZ  . LYS A 1 42 ? 1.895   -10.092 7.712   1.00 22.51 ? 42  LYS A NZ  1 
ATOM   347 N N   . MET A 1 43 ? 1.407   -3.164  5.346   1.00 14.87 ? 43  MET A N   1 
ATOM   348 C CA  . MET A 1 43 ? 0.085   -2.505  5.235   1.00 14.89 ? 43  MET A CA  1 
ATOM   349 C C   . MET A 1 43 ? -0.833  -3.385  4.390   1.00 13.73 ? 43  MET A C   1 
ATOM   350 O O   . MET A 1 43 ? -0.332  -4.023  3.435   1.00 13.18 ? 43  MET A O   1 
ATOM   351 C CB  . MET A 1 43 ? 0.234   -1.132  4.581   1.00 16.34 ? 43  MET A CB  1 
ATOM   352 C CG  . MET A 1 43 ? 1.304   -0.287  5.227   1.00 17.97 ? 43  MET A CG  1 
ATOM   353 S SD  . MET A 1 43 ? 1.156   1.422   4.697   1.00 21.26 ? 43  MET A SD  1 
ATOM   354 C CE  . MET A 1 43 ? 1.592   1.252   2.968   1.00 19.93 ? 43  MET A CE  1 
ATOM   355 N N   . LEU A 1 44 ? -2.119  -3.427  4.744   1.00 13.38 ? 44  LEU A N   1 
ATOM   356 C CA  . LEU A 1 44 ? -3.164  -4.086  3.925   1.00 13.11 ? 44  LEU A CA  1 
ATOM   357 C C   . LEU A 1 44 ? -3.571  -3.107  2.826   1.00 12.42 ? 44  LEU A C   1 
ATOM   358 O O   . LEU A 1 44 ? -4.115  -2.022  3.149   1.00 11.66 ? 44  LEU A O   1 
ATOM   359 C CB  . LEU A 1 44 ? -4.368  -4.483  4.783   1.00 13.24 ? 44  LEU A CB  1 
ATOM   360 C CG  . LEU A 1 44 ? -5.454  -5.262  4.040   1.00 13.73 ? 44  LEU A CG  1 
ATOM   361 C CD1 . LEU A 1 44 ? -4.886  -6.519  3.398   1.00 13.57 ? 44  LEU A CD1 1 
ATOM   362 C CD2 . LEU A 1 44 ? -6.608  -5.606  4.966   1.00 14.31 ? 44  LEU A CD2 1 
ATOM   363 N N   . VAL A 1 45 ? -3.276  -3.465  1.580   1.00 11.78 ? 45  VAL A N   1 
ATOM   364 C CA  . VAL A 1 45 ? -3.532  -2.599  0.401   1.00 11.86 ? 45  VAL A CA  1 
ATOM   365 C C   . VAL A 1 45 ? -4.752  -3.142  -0.339  1.00 11.34 ? 45  VAL A C   1 
ATOM   366 O O   . VAL A 1 45 ? -4.800  -4.361  -0.623  1.00 11.23 ? 45  VAL A O   1 
ATOM   367 C CB  . VAL A 1 45 ? -2.291  -2.527  -0.500  1.00 12.01 ? 45  VAL A CB  1 
ATOM   368 C CG1 . VAL A 1 45 ? -2.559  -1.743  -1.773  1.00 12.16 ? 45  VAL A CG1 1 
ATOM   369 C CG2 . VAL A 1 45 ? -1.106  -1.947  0.259   1.00 12.22 ? 45  VAL A CG2 1 
ATOM   370 N N   . HIS A 1 46 ? -5.702  -2.251  -0.612  1.00 11.50 ? 46  HIS A N   1 
ATOM   371 C CA  . HIS A 1 46 ? -6.873  -2.493  -1.483  1.00 11.46 ? 46  HIS A CA  1 
ATOM   372 C C   . HIS A 1 46 ? -6.620  -1.851  -2.848  1.00 11.25 ? 46  HIS A C   1 
ATOM   373 O O   . HIS A 1 46 ? -6.371  -0.640  -2.889  1.00 11.05 ? 46  HIS A O   1 
ATOM   374 C CB  . HIS A 1 46 ? -8.141  -1.933  -0.839  1.00 11.58 ? 46  HIS A CB  1 
ATOM   375 C CG  . HIS A 1 46 ? -9.313  -2.000  -1.753  1.00 11.65 ? 46  HIS A CG  1 
ATOM   376 N ND1 . HIS A 1 46 ? -9.842  -3.204  -2.173  1.00 12.01 ? 46  HIS A ND1 1 
ATOM   377 C CD2 . HIS A 1 46 ? -10.023 -1.032  -2.368  1.00 11.68 ? 46  HIS A CD2 1 
ATOM   378 C CE1 . HIS A 1 46 ? -10.858 -2.971  -2.979  1.00 11.86 ? 46  HIS A CE1 1 
ATOM   379 N NE2 . HIS A 1 46 ? -10.987 -1.650  -3.114  1.00 12.04 ? 46  HIS A NE2 1 
ATOM   380 N N   . PHE A 1 47 ? -6.693  -2.642  -3.919  1.00 11.04 ? 47  PHE A N   1 
ATOM   381 C CA  . PHE A 1 47 ? -6.579  -2.164  -5.320  1.00 11.02 ? 47  PHE A CA  1 
ATOM   382 C C   . PHE A 1 47 ? -7.942  -1.604  -5.736  1.00 11.20 ? 47  PHE A C   1 
ATOM   383 O O   . PHE A 1 47 ? -8.925  -2.363  -5.760  1.00 10.88 ? 47  PHE A O   1 
ATOM   384 C CB  . PHE A 1 47 ? -6.083  -3.297  -6.219  1.00 10.67 ? 47  PHE A CB  1 
ATOM   385 C CG  . PHE A 1 47 ? -4.754  -3.883  -5.815  1.00 10.27 ? 47  PHE A CG  1 
ATOM   386 C CD1 . PHE A 1 47 ? -3.570  -3.371  -6.325  1.00 10.11 ? 47  PHE A CD1 1 
ATOM   387 C CD2 . PHE A 1 47 ? -4.685  -4.964  -4.948  1.00 10.22 ? 47  PHE A CD2 1 
ATOM   388 C CE1 . PHE A 1 47 ? -2.349  -3.924  -5.970  1.00 10.03 ? 47  PHE A CE1 1 
ATOM   389 C CE2 . PHE A 1 47 ? -3.464  -5.517  -4.597  1.00 10.18 ? 47  PHE A CE2 1 
ATOM   390 C CZ  . PHE A 1 47 ? -2.299  -4.989  -5.100  1.00 10.26 ? 47  PHE A CZ  1 
ATOM   391 N N   . GLU A 1 48 ? -8.006  -0.300  -6.016  1.00 11.73 ? 48  GLU A N   1 
ATOM   392 C CA  . GLU A 1 48 ? -9.288  0.406   -6.279  1.00 12.04 ? 48  GLU A CA  1 
ATOM   393 C C   . GLU A 1 48 ? -9.962  -0.215  -7.506  1.00 12.53 ? 48  GLU A C   1 
ATOM   394 O O   . GLU A 1 48 ? -9.250  -0.505  -8.490  1.00 12.03 ? 48  GLU A O   1 
ATOM   395 C CB  . GLU A 1 48 ? -9.077  1.912   -6.450  1.00 12.22 ? 48  GLU A CB  1 
ATOM   396 C CG  . GLU A 1 48 ? -8.728  2.622   -5.155  1.00 12.16 ? 48  GLU A CG  1 
ATOM   397 C CD  . GLU A 1 48 ? -8.552  4.127   -5.275  1.00 12.59 ? 48  GLU A CD  1 
ATOM   398 O OE1 . GLU A 1 48 ? -8.353  4.786   -4.232  1.00 13.34 ? 48  GLU A OE1 1 
ATOM   399 O OE2 . GLU A 1 48 ? -8.604  4.634   -6.406  1.00 12.87 ? 48  GLU A OE2 1 
ATOM   400 N N   . ARG A 1 49 ? -11.281 -0.414  -7.407  1.00 13.46 ? 49  ARG A N   1 
ATOM   401 C CA  . ARG A 1 49 ? -12.191 -0.942  -8.460  1.00 14.26 ? 49  ARG A CA  1 
ATOM   402 C C   . ARG A 1 49 ? -11.923 -2.434  -8.690  1.00 13.98 ? 49  ARG A C   1 
ATOM   403 O O   . ARG A 1 49 ? -12.395 -2.960  -9.712  1.00 15.40 ? 49  ARG A O   1 
ATOM   404 C CB  . ARG A 1 49 ? -12.066 -0.113  -9.741  1.00 15.29 ? 49  ARG A CB  1 
ATOM   405 C CG  . ARG A 1 49 ? -12.352 1.362   -9.511  1.00 16.34 ? 49  ARG A CG  1 
ATOM   406 C CD  . ARG A 1 49 ? -12.335 2.195   -10.774 1.00 17.69 ? 49  ARG A CD  1 
ATOM   407 N NE  . ARG A 1 49 ? -12.602 3.588   -10.446 1.00 18.82 ? 49  ARG A NE  1 
ATOM   408 C CZ  . ARG A 1 49 ? -12.430 4.625   -11.263 1.00 19.77 ? 49  ARG A CZ  1 
ATOM   409 N NH1 . ARG A 1 49 ? -12.713 5.844   -10.838 1.00 20.61 ? 49  ARG A NH1 1 
ATOM   410 N NH2 . ARG A 1 49 ? -11.979 4.450   -12.496 1.00 20.69 ? 49  ARG A NH2 1 
ATOM   411 N N   . TRP A 1 50 ? -11.221 -3.084  -7.759  1.00 12.96 ? 50  TRP A N   1 
ATOM   412 C CA  . TRP A 1 50 ? -11.053 -4.559  -7.697  1.00 12.84 ? 50  TRP A CA  1 
ATOM   413 C C   . TRP A 1 50 ? -11.790 -5.097  -6.471  1.00 12.71 ? 50  TRP A C   1 
ATOM   414 O O   . TRP A 1 50 ? -11.964 -4.337  -5.501  1.00 13.20 ? 50  TRP A O   1 
ATOM   415 C CB  . TRP A 1 50 ? -9.573  -4.947  -7.655  1.00 12.50 ? 50  TRP A CB  1 
ATOM   416 C CG  . TRP A 1 50 ? -8.862  -4.717  -8.948  1.00 12.25 ? 50  TRP A CG  1 
ATOM   417 C CD1 . TRP A 1 50 ? -8.047  -3.670  -9.264  1.00 11.84 ? 50  TRP A CD1 1 
ATOM   418 C CD2 . TRP A 1 50 ? -8.911  -5.555  -10.115 1.00 11.74 ? 50  TRP A CD2 1 
ATOM   419 N NE1 . TRP A 1 50 ? -7.586  -3.797  -10.546 1.00 12.06 ? 50  TRP A NE1 1 
ATOM   420 C CE2 . TRP A 1 50 ? -8.088  -4.950  -11.089 1.00 11.86 ? 50  TRP A CE2 1 
ATOM   421 C CE3 . TRP A 1 50 ? -9.565  -6.751  -10.430 1.00 11.78 ? 50  TRP A CE3 1 
ATOM   422 C CZ2 . TRP A 1 50 ? -7.907  -5.501  -12.356 1.00 11.80 ? 50  TRP A CZ2 1 
ATOM   423 C CZ3 . TRP A 1 50 ? -9.389  -7.293  -11.684 1.00 11.79 ? 50  TRP A CZ3 1 
ATOM   424 C CH2 . TRP A 1 50 ? -8.565  -6.680  -12.628 1.00 11.85 ? 50  TRP A CH2 1 
ATOM   425 N N   . SER A 1 51 ? -12.174 -6.372  -6.517  1.00 12.51 ? 51  SER A N   1 
ATOM   426 C CA  . SER A 1 51 ? -12.724 -7.128  -5.365  1.00 12.69 ? 51  SER A CA  1 
ATOM   427 C C   . SER A 1 51 ? -11.747 -7.053  -4.185  1.00 12.82 ? 51  SER A C   1 
ATOM   428 O O   . SER A 1 51 ? -10.514 -7.094  -4.411  1.00 12.82 ? 51  SER A O   1 
ATOM   429 C CB  . SER A 1 51 ? -13.004 -8.555  -5.749  1.00 12.54 ? 51  SER A CB  1 
ATOM   430 O OG  . SER A 1 51 ? -13.363 -9.321  -4.612  1.00 12.80 ? 51  SER A OG  1 
ATOM   431 N N   . HIS A 1 52 ? -12.271 -6.993  -2.959  1.00 13.35 ? 52  HIS A N   1 
ATOM   432 C CA  . HIS A 1 52 ? -11.453 -7.043  -1.718  1.00 13.92 ? 52  HIS A CA  1 
ATOM   433 C C   . HIS A 1 52 ? -10.773 -8.412  -1.588  1.00 13.66 ? 52  HIS A C   1 
ATOM   434 O O   . HIS A 1 52 ? -9.878  -8.538  -0.734  1.00 14.00 ? 52  HIS A O   1 
ATOM   435 C CB  . HIS A 1 52 ? -12.290 -6.689  -0.481  1.00 14.30 ? 52  HIS A CB  1 
ATOM   436 C CG  . HIS A 1 52 ? -12.505 -5.223  -0.315  1.00 15.12 ? 52  HIS A CG  1 
ATOM   437 N ND1 . HIS A 1 52 ? -11.582 -4.407  0.309   1.00 15.30 ? 52  HIS A ND1 1 
ATOM   438 C CD2 . HIS A 1 52 ? -13.526 -4.421  -0.693  1.00 15.64 ? 52  HIS A CD2 1 
ATOM   439 C CE1 . HIS A 1 52 ? -12.026 -3.168  0.313   1.00 15.51 ? 52  HIS A CE1 1 
ATOM   440 N NE2 . HIS A 1 52 ? -13.219 -3.151  -0.296  1.00 15.67 ? 52  HIS A NE2 1 
ATOM   441 N N   . ARG A 1 53 ? -11.148 -9.401  -2.408  1.00 13.63 ? 53  ARG A N   1 
ATOM   442 C CA  . ARG A 1 53 ? -10.502 -10.740 -2.372  1.00 13.40 ? 53  ARG A CA  1 
ATOM   443 C C   . ARG A 1 53 ? -9.054  -10.621 -2.871  1.00 13.23 ? 53  ARG A C   1 
ATOM   444 O O   . ARG A 1 53 ? -8.275  -11.561 -2.609  1.00 13.42 ? 53  ARG A O   1 
ATOM   445 C CB  . ARG A 1 53 ? -11.317 -11.776 -3.153  1.00 13.40 ? 53  ARG A CB  1 
ATOM   446 C CG  . ARG A 1 53 ? -11.118 -11.781 -4.663  1.00 13.52 ? 53  ARG A CG  1 
ATOM   447 C CD  . ARG A 1 53 ? -11.861 -12.974 -5.237  1.00 13.61 ? 53  ARG A CD  1 
ATOM   448 N NE  . ARG A 1 53 ? -11.910 -13.018 -6.692  1.00 13.76 ? 53  ARG A NE  1 
ATOM   449 C CZ  . ARG A 1 53 ? -12.798 -12.386 -7.460  1.00 14.05 ? 53  ARG A CZ  1 
ATOM   450 N NH1 . ARG A 1 53 ? -13.734 -11.618 -6.927  1.00 14.07 ? 53  ARG A NH1 1 
ATOM   451 N NH2 . ARG A 1 53 ? -12.740 -12.521 -8.773  1.00 14.51 ? 53  ARG A NH2 1 
ATOM   452 N N   . TYR A 1 54 ? -8.701  -9.522  -3.555  1.00 12.85 ? 54  TYR A N   1 
ATOM   453 C CA  . TYR A 1 54 ? -7.330  -9.261  -4.076  1.00 12.52 ? 54  TYR A CA  1 
ATOM   454 C C   . TYR A 1 54 ? -6.525  -8.379  -3.116  1.00 12.57 ? 54  TYR A C   1 
ATOM   455 O O   . TYR A 1 54 ? -5.378  -8.036  -3.467  1.00 12.84 ? 54  TYR A O   1 
ATOM   456 C CB  . TYR A 1 54 ? -7.376  -8.603  -5.457  1.00 12.39 ? 54  TYR A CB  1 
ATOM   457 C CG  . TYR A 1 54 ? -7.954  -9.490  -6.528  1.00 12.38 ? 54  TYR A CG  1 
ATOM   458 C CD1 . TYR A 1 54 ? -7.315  -10.661 -6.901  1.00 12.44 ? 54  TYR A CD1 1 
ATOM   459 C CD2 . TYR A 1 54 ? -9.138  -9.162  -7.164  1.00 12.31 ? 54  TYR A CD2 1 
ATOM   460 C CE1 . TYR A 1 54 ? -7.840  -11.486 -7.881  1.00 12.68 ? 54  TYR A CE1 1 
ATOM   461 C CE2 . TYR A 1 54 ? -9.678  -9.977  -8.144  1.00 12.56 ? 54  TYR A CE2 1 
ATOM   462 C CZ  . TYR A 1 54 ? -9.026  -11.142 -8.503  1.00 12.59 ? 54  TYR A CZ  1 
ATOM   463 O OH  . TYR A 1 54 ? -9.554  -11.946 -9.467  1.00 13.13 ? 54  TYR A OH  1 
ATOM   464 N N   . ASP A 1 55 ? -7.092  -8.013  -1.962  1.00 12.75 ? 55  ASP A N   1 
ATOM   465 C CA  . ASP A 1 55 ? -6.381  -7.201  -0.942  1.00 13.09 ? 55  ASP A CA  1 
ATOM   466 C C   . ASP A 1 55 ? -5.159  -7.989  -0.461  1.00 13.12 ? 55  ASP A C   1 
ATOM   467 O O   . ASP A 1 55 ? -5.257  -9.226  -0.350  1.00 13.87 ? 55  ASP A O   1 
ATOM   468 C CB  . ASP A 1 55 ? -7.281  -6.843  0.238   1.00 12.91 ? 55  ASP A CB  1 
ATOM   469 C CG  . ASP A 1 55 ? -8.378  -5.839  -0.066  1.00 12.98 ? 55  ASP A CG  1 
ATOM   470 O OD1 . ASP A 1 55 ? -8.552  -5.474  -1.252  1.00 12.55 ? 55  ASP A OD1 1 
ATOM   471 O OD2 . ASP A 1 55 ? -9.063  -5.449  0.891   1.00 13.51 ? 55  ASP A OD2 1 
ATOM   472 N N   . GLU A 1 56 ? -4.060  -7.290  -0.181  1.00 13.16 ? 56  GLU A N   1 
ATOM   473 C CA  . GLU A 1 56 ? -2.745  -7.905  0.126   1.00 13.34 ? 56  GLU A CA  1 
ATOM   474 C C   . GLU A 1 56 ? -2.018  -7.110  1.208   1.00 13.03 ? 56  GLU A C   1 
ATOM   475 O O   . GLU A 1 56 ? -2.013  -5.868  1.131   1.00 12.50 ? 56  GLU A O   1 
ATOM   476 C CB  . GLU A 1 56 ? -1.852  -7.913  -1.110  1.00 13.87 ? 56  GLU A CB  1 
ATOM   477 C CG  . GLU A 1 56 ? -2.005  -9.138  -1.982  1.00 14.76 ? 56  GLU A CG  1 
ATOM   478 C CD  . GLU A 1 56 ? -0.882  -9.222  -2.997  1.00 15.03 ? 56  GLU A CD  1 
ATOM   479 O OE1 . GLU A 1 56 ? -1.080  -8.750  -4.127  1.00 15.66 ? 56  GLU A OE1 1 
ATOM   480 O OE2 . GLU A 1 56 ? 0.203   -9.723  -2.637  1.00 16.00 ? 56  GLU A OE2 1 
ATOM   481 N N   . TRP A 1 57 ? -1.415  -7.824  2.160   1.00 13.01 ? 57  TRP A N   1 
ATOM   482 C CA  . TRP A 1 57 ? -0.369  -7.283  3.064   1.00 13.11 ? 57  TRP A CA  1 
ATOM   483 C C   . TRP A 1 57 ? 0.930   -7.110  2.270   1.00 12.80 ? 57  TRP A C   1 
ATOM   484 O O   . TRP A 1 57 ? 1.466   -8.116  1.766   1.00 13.45 ? 57  TRP A O   1 
ATOM   485 C CB  . TRP A 1 57 ? -0.184  -8.196  4.278   1.00 13.64 ? 57  TRP A CB  1 
ATOM   486 C CG  . TRP A 1 57 ? -1.354  -8.173  5.208   1.00 14.32 ? 57  TRP A CG  1 
ATOM   487 C CD1 . TRP A 1 57 ? -2.353  -9.096  5.296   1.00 14.70 ? 57  TRP A CD1 1 
ATOM   488 C CD2 . TRP A 1 57 ? -1.651  -7.165  6.191   1.00 14.45 ? 57  TRP A CD2 1 
ATOM   489 N NE1 . TRP A 1 57 ? -3.249  -8.735  6.266   1.00 15.13 ? 57  TRP A NE1 1 
ATOM   490 C CE2 . TRP A 1 57 ? -2.844  -7.556  6.836   1.00 14.92 ? 57  TRP A CE2 1 
ATOM   491 C CE3 . TRP A 1 57 ? -1.027  -5.978  6.591   1.00 14.92 ? 57  TRP A CE3 1 
ATOM   492 C CZ2 . TRP A 1 57 ? -3.418  -6.801  7.858   1.00 14.92 ? 57  TRP A CZ2 1 
ATOM   493 C CZ3 . TRP A 1 57 ? -1.591  -5.233  7.604   1.00 14.79 ? 57  TRP A CZ3 1 
ATOM   494 C CH2 . TRP A 1 57 ? -2.770  -5.643  8.229   1.00 14.58 ? 57  TRP A CH2 1 
ATOM   495 N N   . ILE A 1 58 ? 1.392   -5.869  2.142   1.00 12.31 ? 58  ILE A N   1 
ATOM   496 C CA  . ILE A 1 58 ? 2.651   -5.504  1.430   1.00 12.29 ? 58  ILE A CA  1 
ATOM   497 C C   . ILE A 1 58 ? 3.551   -4.783  2.432   1.00 12.43 ? 58  ILE A C   1 
ATOM   498 O O   . ILE A 1 58 ? 3.050   -3.894  3.133   1.00 12.53 ? 58  ILE A O   1 
ATOM   499 C CB  . ILE A 1 58 ? 2.359   -4.635  0.191   1.00 12.15 ? 58  ILE A CB  1 
ATOM   500 C CG1 . ILE A 1 58 ? 1.452   -5.364  -0.805  1.00 12.25 ? 58  ILE A CG1 1 
ATOM   501 C CG2 . ILE A 1 58 ? 3.656   -4.176  -0.464  1.00 11.94 ? 58  ILE A CG2 1 
ATOM   502 C CD1 . ILE A 1 58 ? 1.094   -4.553  -2.030  1.00 12.27 ? 58  ILE A CD1 1 
ATOM   503 N N   . TYR A 1 59 ? 4.831   -5.153  2.489   1.00 12.97 ? 59  TYR A N   1 
ATOM   504 C CA  . TYR A 1 59 ? 5.853   -4.455  3.312   1.00 13.52 ? 59  TYR A CA  1 
ATOM   505 C C   . TYR A 1 59 ? 5.890   -2.971  2.922   1.00 12.78 ? 59  TYR A C   1 
ATOM   506 O O   . TYR A 1 59 ? 5.815   -2.628  1.726   1.00 12.36 ? 59  TYR A O   1 
ATOM   507 C CB  . TYR A 1 59 ? 7.215   -5.140  3.177   1.00 14.89 ? 59  TYR A CB  1 
ATOM   508 C CG  . TYR A 1 59 ? 7.296   -6.475  3.874   1.00 16.80 ? 59  TYR A CG  1 
ATOM   509 C CD1 . TYR A 1 59 ? 7.017   -6.580  5.228   1.00 18.30 ? 59  TYR A CD1 1 
ATOM   510 C CD2 . TYR A 1 59 ? 7.643   -7.631  3.194   1.00 18.22 ? 59  TYR A CD2 1 
ATOM   511 C CE1 . TYR A 1 59 ? 7.080   -7.796  5.888   1.00 19.67 ? 59  TYR A CE1 1 
ATOM   512 C CE2 . TYR A 1 59 ? 7.711   -8.857  3.841   1.00 19.63 ? 59  TYR A CE2 1 
ATOM   513 C CZ  . TYR A 1 59 ? 7.430   -8.940  5.193   1.00 20.24 ? 59  TYR A CZ  1 
ATOM   514 O OH  . TYR A 1 59 ? 7.492   -10.136 5.852   1.00 23.50 ? 59  TYR A OH  1 
ATOM   515 N N   . TRP A 1 60 ? 6.016   -2.089  3.913   1.00 12.10 ? 60  TRP A N   1 
ATOM   516 C CA  . TRP A 1 60 ? 5.922   -0.623  3.681   1.00 12.67 ? 60  TRP A CA  1 
ATOM   517 C C   . TRP A 1 60 ? 7.182   -0.093  2.973   1.00 12.72 ? 60  TRP A C   1 
ATOM   518 O O   . TRP A 1 60 ? 7.164   1.074   2.551   1.00 12.28 ? 60  TRP A O   1 
ATOM   519 C CB  . TRP A 1 60 ? 5.570   0.146   4.968   1.00 13.14 ? 60  TRP A CB  1 
ATOM   520 C CG  . TRP A 1 60 ? 6.439   -0.052  6.174   1.00 13.62 ? 60  TRP A CG  1 
ATOM   521 C CD1 . TRP A 1 60 ? 7.771   -0.347  6.217   1.00 13.73 ? 60  TRP A CD1 1 
ATOM   522 C CD2 . TRP A 1 60 ? 6.035   0.146   7.543   1.00 13.85 ? 60  TRP A CD2 1 
ATOM   523 N NE1 . TRP A 1 60 ? 8.207   -0.399  7.514   1.00 14.24 ? 60  TRP A NE1 1 
ATOM   524 C CE2 . TRP A 1 60 ? 7.170   -0.079  8.350   1.00 13.95 ? 60  TRP A CE2 1 
ATOM   525 C CE3 . TRP A 1 60 ? 4.826   0.484   8.165   1.00 13.95 ? 60  TRP A CE3 1 
ATOM   526 C CZ2 . TRP A 1 60 ? 7.126   0.016   9.743   1.00 13.96 ? 60  TRP A CZ2 1 
ATOM   527 C CZ3 . TRP A 1 60 ? 4.781   0.569   9.541   1.00 14.02 ? 60  TRP A CZ3 1 
ATOM   528 C CH2 . TRP A 1 60 ? 5.916   0.335   10.318  1.00 14.14 ? 60  TRP A CH2 1 
ATOM   529 N N   . ASP A 1 61 ? 8.222   -0.923  2.820   1.00 13.44 ? 61  ASP A N   1 
ATOM   530 C CA  . ASP A 1 61 ? 9.463   -0.587  2.066   1.00 13.92 ? 61  ASP A CA  1 
ATOM   531 C C   . ASP A 1 61 ? 9.461   -1.279  0.695   1.00 13.67 ? 61  ASP A C   1 
ATOM   532 O O   . ASP A 1 61 ? 10.516  -1.263  0.034   1.00 14.05 ? 61  ASP A O   1 
ATOM   533 C CB  . ASP A 1 61 ? 10.712  -0.994  2.853   1.00 14.79 ? 61  ASP A CB  1 
ATOM   534 C CG  . ASP A 1 61 ? 10.914  -2.496  2.971   1.00 15.43 ? 61  ASP A CG  1 
ATOM   535 O OD1 . ASP A 1 61 ? 9.929   -3.241  2.774   1.00 15.79 ? 61  ASP A OD1 1 
ATOM   536 O OD2 . ASP A 1 61 ? 12.054  -2.913  3.263   1.00 17.66 ? 61  ASP A OD2 1 
ATOM   537 N N   . SER A 1 62 ? 8.340   -1.890  0.293   1.00 13.28 ? 62  SER A N   1 
ATOM   538 C CA  . SER A 1 62 ? 8.230   -2.704  -0.946  1.00 12.68 ? 62  SER A CA  1 
ATOM   539 C C   . SER A 1 62 ? 8.398   -1.820  -2.187  1.00 12.56 ? 62  SER A C   1 
ATOM   540 O O   . SER A 1 62 ? 7.895   -0.688  -2.186  1.00 12.46 ? 62  SER A O   1 
ATOM   541 C CB  . SER A 1 62 ? 6.919   -3.437  -1.003  1.00 12.53 ? 62  SER A CB  1 
ATOM   542 O OG  . SER A 1 62 ? 6.811   -4.184  -2.206  1.00 12.60 ? 62  SER A OG  1 
ATOM   543 N N   . ASN A 1 63 ? 9.018   -2.362  -3.235  1.00 12.34 ? 63  ASN A N   1 
ATOM   544 C CA  . ASN A 1 63 ? 9.073   -1.717  -4.572  1.00 12.72 ? 63  ASN A CA  1 
ATOM   545 C C   . ASN A 1 63 ? 7.706   -1.850  -5.258  1.00 12.80 ? 63  ASN A C   1 
ATOM   546 O O   . ASN A 1 63 ? 7.567   -1.332  -6.374  1.00 13.04 ? 63  ASN A O   1 
ATOM   547 C CB  . ASN A 1 63 ? 10.210  -2.279  -5.431  1.00 12.88 ? 63  ASN A CB  1 
ATOM   548 C CG  . ASN A 1 63 ? 10.005  -3.720  -5.852  1.00 12.94 ? 63  ASN A CG  1 
ATOM   549 O OD1 . ASN A 1 63 ? 9.052   -4.376  -5.431  1.00 13.30 ? 63  ASN A OD1 1 
ATOM   550 N ND2 . ASN A 1 63 ? 10.906  -4.224  -6.679  1.00 13.36 ? 63  ASN A ND2 1 
ATOM   551 N N   . ARG A 1 64 ? 6.733   -2.507  -4.617  1.00 12.78 ? 64  ARG A N   1 
ATOM   552 C CA  . ARG A 1 64 ? 5.350   -2.651  -5.146  1.00 12.73 ? 64  ARG A CA  1 
ATOM   553 C C   . ARG A 1 64 ? 4.502   -1.422  -4.790  1.00 13.10 ? 64  ARG A C   1 
ATOM   554 O O   . ARG A 1 64 ? 3.333   -1.401  -5.200  1.00 13.44 ? 64  ARG A O   1 
ATOM   555 C CB  . ARG A 1 64 ? 4.677   -3.916  -4.602  1.00 13.04 ? 64  ARG A CB  1 
ATOM   556 C CG  . ARG A 1 64 ? 5.275   -5.219  -5.105  1.00 13.21 ? 64  ARG A CG  1 
ATOM   557 C CD  . ARG A 1 64 ? 4.560   -6.400  -4.485  1.00 13.38 ? 64  ARG A CD  1 
ATOM   558 N NE  . ARG A 1 64 ? 3.190   -6.496  -4.976  1.00 13.47 ? 64  ARG A NE  1 
ATOM   559 C CZ  . ARG A 1 64 ? 2.284   -7.372  -4.553  1.00 14.10 ? 64  ARG A CZ  1 
ATOM   560 N NH1 . ARG A 1 64 ? 1.072   -7.366  -5.084  1.00 14.51 ? 64  ARG A NH1 1 
ATOM   561 N NH2 . ARG A 1 64 ? 2.580   -8.237  -3.598  1.00 14.44 ? 64  ARG A NH2 1 
ATOM   562 N N   . LEU A 1 65 ? 5.051   -0.448  -4.052  1.00 12.91 ? 65  LEU A N   1 
ATOM   563 C CA  . LEU A 1 65 ? 4.323   0.790   -3.656  1.00 13.49 ? 65  LEU A CA  1 
ATOM   564 C C   . LEU A 1 65 ? 5.018   2.012   -4.255  1.00 14.38 ? 65  LEU A C   1 
ATOM   565 O O   . LEU A 1 65 ? 6.260   2.086   -4.181  1.00 14.72 ? 65  LEU A O   1 
ATOM   566 C CB  . LEU A 1 65 ? 4.291   0.908   -2.131  1.00 13.22 ? 65  LEU A CB  1 
ATOM   567 C CG  . LEU A 1 65 ? 3.744   -0.301  -1.377  1.00 13.31 ? 65  LEU A CG  1 
ATOM   568 C CD1 . LEU A 1 65 ? 3.943   -0.121  0.118   1.00 13.23 ? 65  LEU A CD1 1 
ATOM   569 C CD2 . LEU A 1 65 ? 2.276   -0.537  -1.696  1.00 13.15 ? 65  LEU A CD2 1 
ATOM   570 N N   . ARG A 1 66 ? 4.235   2.952   -4.785  1.00 15.51 ? 66  ARG A N   1 
ATOM   571 C CA  . ARG A 1 66 ? 4.759   4.242   -5.299  1.00 16.70 ? 66  ARG A CA  1 
ATOM   572 C C   . ARG A 1 66 ? 3.706   5.324   -5.096  1.00 16.71 ? 66  ARG A C   1 
ATOM   573 O O   . ARG A 1 66 ? 2.534   5.026   -4.859  1.00 14.40 ? 66  ARG A O   1 
ATOM   574 C CB  . ARG A 1 66 ? 5.188   4.097   -6.763  1.00 18.22 ? 66  ARG A CB  1 
ATOM   575 C CG  . ARG A 1 66 ? 4.051   3.925   -7.758  1.00 19.72 ? 66  ARG A CG  1 
ATOM   576 C CD  . ARG A 1 66 ? 4.606   3.671   -9.146  1.00 21.10 ? 66  ARG A CD  1 
ATOM   577 N NE  . ARG A 1 66 ? 3.600   3.677   -10.198 1.00 22.67 ? 66  ARG A NE  1 
ATOM   578 C CZ  . ARG A 1 66 ? 3.847   3.447   -11.488 1.00 23.66 ? 66  ARG A CZ  1 
ATOM   579 N NH1 . ARG A 1 66 ? 5.076   3.183   -11.899 1.00 25.00 ? 66  ARG A NH1 1 
ATOM   580 N NH2 . ARG A 1 66 ? 2.859   3.479   -12.366 1.00 24.68 ? 66  ARG A NH2 1 
ATOM   581 N N   . PRO A 1 67 ? 4.103   6.613   -5.160  1.00 17.50 ? 67  PRO A N   1 
ATOM   582 C CA  . PRO A 1 67 ? 3.152   7.714   -5.033  1.00 18.59 ? 67  PRO A CA  1 
ATOM   583 C C   . PRO A 1 67 ? 2.096   7.698   -6.147  1.00 19.73 ? 67  PRO A C   1 
ATOM   584 O O   . PRO A 1 67 ? 2.417   7.325   -7.263  1.00 18.84 ? 67  PRO A O   1 
ATOM   585 C CB  . PRO A 1 67 ? 4.031   8.972   -5.134  1.00 18.45 ? 67  PRO A CB  1 
ATOM   586 C CG  . PRO A 1 67 ? 5.419   8.488   -4.783  1.00 18.31 ? 67  PRO A CG  1 
ATOM   587 C CD  . PRO A 1 67 ? 5.485   7.085   -5.342  1.00 18.08 ? 67  PRO A CD  1 
ATOM   588 N N   . LEU A 1 68 ? 0.861   8.066   -5.793  1.00 21.75 ? 68  LEU A N   1 
ATOM   589 C CA  . LEU A 1 68 ? -0.228  8.396   -6.747  1.00 25.00 ? 68  LEU A CA  1 
ATOM   590 C C   . LEU A 1 68 ? -0.113  9.887   -7.080  1.00 27.74 ? 68  LEU A C   1 
ATOM   591 O O   . LEU A 1 68 ? -0.122  10.700  -6.133  1.00 29.40 ? 68  LEU A O   1 
ATOM   592 C CB  . LEU A 1 68 ? -1.575  8.064   -6.097  1.00 24.74 ? 68  LEU A CB  1 
ATOM   593 C CG  . LEU A 1 68 ? -2.782  8.035   -7.033  1.00 24.78 ? 68  LEU A CG  1 
ATOM   594 C CD1 . LEU A 1 68 ? -2.707  6.851   -7.986  1.00 25.12 ? 68  LEU A CD1 1 
ATOM   595 C CD2 . LEU A 1 68 ? -4.073  7.996   -6.231  1.00 25.40 ? 68  LEU A CD2 1 
ATOM   596 N N   . GLU A 1 69 ? 0.024   10.225  -8.364  1.00 31.80 ? 69  GLU A N   1 
ATOM   597 C CA  . GLU A 1 69 ? 0.254   11.616  -8.843  1.00 34.29 ? 69  GLU A CA  1 
ATOM   598 C C   . GLU A 1 69 ? -1.093  12.267  -9.174  1.00 35.44 ? 69  GLU A C   1 
ATOM   599 O O   . GLU A 1 69 ? -1.572  13.087  -8.387  1.00 36.77 ? 69  GLU A O   1 
ATOM   600 C CB  . GLU A 1 69 ? 1.205   11.611  -10.040 1.00 36.27 ? 69  GLU A CB  1 
ATOM   601 C CG  . GLU A 1 69 ? 2.654   11.393  -9.645  1.00 37.84 ? 69  GLU A CG  1 
ATOM   602 C CD  . GLU A 1 69 ? 3.598   11.131  -10.805 1.00 39.14 ? 69  GLU A CD  1 
ATOM   603 O OE1 . GLU A 1 69 ? 3.432   10.093  -11.477 1.00 40.30 ? 69  GLU A OE1 1 
ATOM   604 O OE2 . GLU A 1 69 ? 4.493   11.969  -11.039 1.00 41.27 ? 69  GLU A OE2 1 
HETATM 605 S S   . SO4 B 2 .  ? -16.012 -7.523  -2.869  1.00 47.06 ? 101 SO4 A S   1 
HETATM 606 O O1  . SO4 B 2 .  ? -15.535 -8.555  -1.988  1.00 46.87 ? 101 SO4 A O1  1 
HETATM 607 O O2  . SO4 B 2 .  ? -17.270 -7.022  -2.384  1.00 46.95 ? 101 SO4 A O2  1 
HETATM 608 O O3  . SO4 B 2 .  ? -15.055 -6.452  -2.913  1.00 46.24 ? 101 SO4 A O3  1 
HETATM 609 O O4  . SO4 B 2 .  ? -16.188 -8.065  -4.190  1.00 46.71 ? 101 SO4 A O4  1 
HETATM 610 S S   . SO4 C 2 .  ? 8.334   -7.642  -1.864  1.00 26.42 ? 102 SO4 A S   1 
HETATM 611 O O1  . SO4 C 2 .  ? 7.353   -8.657  -2.145  1.00 27.60 ? 102 SO4 A O1  1 
HETATM 612 O O2  . SO4 C 2 .  ? 9.498   -8.257  -1.281  1.00 28.35 ? 102 SO4 A O2  1 
HETATM 613 O O3  . SO4 C 2 .  ? 8.697   -6.979  -3.087  1.00 27.48 ? 102 SO4 A O3  1 
HETATM 614 O O4  . SO4 C 2 .  ? 7.788   -6.681  -0.944  1.00 27.77 ? 102 SO4 A O4  1 
HETATM 615 S S   . SO4 D 2 .  ? 1.698   -9.575  -20.118 1.00 72.94 ? 103 SO4 A S   1 
HETATM 616 O O1  . SO4 D 2 .  ? 2.709   -10.383 -19.492 1.00 72.94 ? 103 SO4 A O1  1 
HETATM 617 O O2  . SO4 D 2 .  ? 0.995   -10.360 -21.096 1.00 72.76 ? 103 SO4 A O2  1 
HETATM 618 O O3  . SO4 D 2 .  ? 2.316   -8.448  -20.764 1.00 72.47 ? 103 SO4 A O3  1 
HETATM 619 O O4  . SO4 D 2 .  ? 0.773   -9.108  -19.121 1.00 71.99 ? 103 SO4 A O4  1 
HETATM 620 C C1  . GOL E 3 .  ? -5.601  -9.502  9.132   1.00 59.15 ? 104 GOL A C1  1 
HETATM 621 O O1  . GOL E 3 .  ? -4.505  -10.350 8.797   1.00 59.01 ? 104 GOL A O1  1 
HETATM 622 C C2  . GOL E 3 .  ? -6.405  -9.109  7.909   1.00 59.15 ? 104 GOL A C2  1 
HETATM 623 O O2  . GOL E 3 .  ? -7.601  -8.449  8.318   1.00 59.67 ? 104 GOL A O2  1 
HETATM 624 C C3  . GOL E 3 .  ? -6.759  -10.281 7.015   1.00 59.59 ? 104 GOL A C3  1 
HETATM 625 O O3  . GOL E 3 .  ? -5.599  -10.977 6.566   1.00 59.73 ? 104 GOL A O3  1 
HETATM 626 O O   . HOH F 4 .  ? -3.508  -9.247  -5.003  1.00 23.00 ? 201 HOH A O   1 
HETATM 627 O O   . HOH F 4 .  ? -4.853  -8.295  -9.659  1.00 25.76 ? 202 HOH A O   1 
HETATM 628 O O   . HOH F 4 .  ? 5.555   -7.130  0.444   1.00 23.27 ? 203 HOH A O   1 
HETATM 629 O O   . HOH F 4 .  ? 0.453   8.512   -2.940  1.00 25.80 ? 204 HOH A O   1 
HETATM 630 O O   . HOH F 4 .  ? 8.668   2.202   -5.346  1.00 31.63 ? 205 HOH A O   1 
HETATM 631 O O   . HOH F 4 .  ? -10.000 4.957   -2.112  1.00 24.42 ? 206 HOH A O   1 
HETATM 632 O O   . HOH F 4 .  ? 4.713   -8.606  -1.626  1.00 24.60 ? 207 HOH A O   1 
HETATM 633 O O   . HOH F 4 .  ? 0.788   -10.337 0.379   1.00 31.97 ? 208 HOH A O   1 
HETATM 634 O O   . HOH F 4 .  ? -10.272 4.349   -8.553  1.00 36.22 ? 209 HOH A O   1 
HETATM 635 O O   . HOH F 4 .  ? -8.025  -5.372  -3.937  1.00 20.07 ? 210 HOH A O   1 
HETATM 636 O O   . HOH F 4 .  ? 0.498   11.617  -0.057  1.00 48.22 ? 211 HOH A O   1 
HETATM 637 O O   . HOH F 4 .  ? 13.244  -1.535  0.516   1.00 25.20 ? 212 HOH A O   1 
HETATM 638 O O   . HOH F 4 .  ? -5.572  -11.498 -1.945  1.00 29.43 ? 213 HOH A O   1 
HETATM 639 O O   . HOH F 4 .  ? 6.577   9.186   3.555   1.00 29.23 ? 214 HOH A O   1 
HETATM 640 O O   . HOH F 4 .  ? 3.098   9.307   6.428   1.00 36.65 ? 215 HOH A O   1 
HETATM 641 O O   . HOH F 4 .  ? 11.790  -6.529  -8.086  1.00 31.49 ? 216 HOH A O   1 
HETATM 642 O O   . HOH F 4 .  ? -6.636  11.490  -3.683  1.00 36.61 ? 217 HOH A O   1 
HETATM 643 O O   . HOH F 4 .  ? 10.735  -0.744  9.433   1.00 33.58 ? 218 HOH A O   1 
HETATM 644 O O   . HOH F 4 .  ? 0.576   -2.661  14.700  1.00 30.46 ? 219 HOH A O   1 
HETATM 645 O O   . HOH F 4 .  ? 6.525   8.371   6.399   1.00 33.56 ? 220 HOH A O   1 
HETATM 646 O O   . HOH F 4 .  ? 0.747   -0.840  -15.156 1.00 28.18 ? 221 HOH A O   1 
HETATM 647 O O   . HOH F 4 .  ? -1.675  -10.834 2.034   1.00 31.27 ? 222 HOH A O   1 
HETATM 648 O O   . HOH F 4 .  ? -3.066  -9.331  -7.649  1.00 23.05 ? 223 HOH A O   1 
HETATM 649 O O   . HOH F 4 .  ? 4.195   -8.025  -7.913  1.00 34.32 ? 224 HOH A O   1 
HETATM 650 O O   . HOH F 4 .  ? -3.501  5.772   10.361  1.00 32.23 ? 225 HOH A O   1 
HETATM 651 O O   . HOH F 4 .  ? 11.318  -9.419  -3.653  1.00 40.12 ? 226 HOH A O   1 
HETATM 652 O O   . HOH F 4 .  ? -4.844  -0.775  11.280  1.00 34.82 ? 227 HOH A O   1 
HETATM 653 O O   . HOH F 4 .  ? 4.226   -11.256 -3.953  1.00 39.77 ? 228 HOH A O   1 
HETATM 654 O O   . HOH F 4 .  ? -10.052 -2.119  -12.653 1.00 46.96 ? 229 HOH A O   1 
HETATM 655 O O   . HOH F 4 .  ? -7.113  -4.684  12.851  1.00 50.47 ? 230 HOH A O   1 
HETATM 656 O O   . HOH F 4 .  ? -8.858  2.916   -10.394 1.00 32.46 ? 231 HOH A O   1 
HETATM 657 O O   . HOH F 4 .  ? -4.032  -11.767 -4.055  1.00 29.74 ? 232 HOH A O   1 
HETATM 658 O O   . HOH F 4 .  ? -8.392  0.734   -12.552 1.00 44.40 ? 233 HOH A O   1 
HETATM 659 O O   . HOH F 4 .  ? 2.135   -14.869 -7.251  1.00 45.11 ? 234 HOH A O   1 
HETATM 660 O O   . HOH F 4 .  ? 12.221  -8.927  -6.670  1.00 33.31 ? 235 HOH A O   1 
# 
loop_
_pdbx_poly_seq_scheme.asym_id 
_pdbx_poly_seq_scheme.entity_id 
_pdbx_poly_seq_scheme.seq_id 
_pdbx_poly_seq_scheme.mon_id 
_pdbx_poly_seq_scheme.ndb_seq_num 
_pdbx_poly_seq_scheme.pdb_seq_num 
_pdbx_poly_seq_scheme.auth_seq_num 
_pdbx_poly_seq_scheme.pdb_mon_id 
_pdbx_poly_seq_scheme.auth_mon_id 
_pdbx_poly_seq_scheme.pdb_strand_id 
_pdbx_poly_seq_scheme.pdb_ins_code 
_pdbx_poly_seq_scheme.hetero 
A 1 1  GLY 1  1  ?  ?   ?   A . n 
A 1 2  SER 2  2  2  SER SER A . n 
A 1 3  HIS 3  3  3  HIS HIS A . n 
A 1 4  MET 4  4  4  MET MET A . n 
A 1 5  PRO 5  5  5  PRO PRO A . n 
A 1 6  PRO 6  6  6  PRO PRO A . n 
A 1 7  ASN 7  7  7  ASN ASN A . n 
A 1 8  ARG 8  8  8  ARG ARG A . n 
A 1 9  PRO 9  9  9  PRO PRO A . n 
A 1 10 GLY 10 10 10 GLY GLY A . n 
A 1 11 ILE 11 11 11 ILE ILE A . n 
A 1 12 THR 12 12 12 THR THR A . n 
A 1 13 PHE 13 13 13 PHE PHE A . n 
A 1 14 GLU 14 14 14 GLU GLU A . n 
A 1 15 ILE 15 15 15 ILE ILE A . n 
A 1 16 GLY 16 16 16 GLY GLY A . n 
A 1 17 ALA 17 17 17 ALA ALA A . n 
A 1 18 ARG 18 18 18 ARG ARG A . n 
A 1 19 LEU 19 19 19 LEU LEU A . n 
A 1 20 GLU 20 20 20 GLU GLU A . n 
A 1 21 ALA 21 21 21 ALA ALA A . n 
A 1 22 LEU 22 22 22 LEU LEU A . n 
A 1 23 ASP 23 23 23 ASP ASP A . n 
A 1 24 LEU 24 24 24 LEU LEU A . n 
A 1 25 LEU 25 25 25 LEU LEU A . n 
A 1 26 GLN 26 26 26 GLN GLN A . n 
A 1 27 LYS 27 27 27 LYS LYS A . n 
A 1 28 TRP 28 28 28 TRP TRP A . n 
A 1 29 TYR 29 29 29 TYR TYR A . n 
A 1 30 PRO 30 30 30 PRO PRO A . n 
A 1 31 SER 31 31 31 SER SER A . n 
A 1 32 ARG 32 32 32 ARG ARG A . n 
A 1 33 ILE 33 33 33 ILE ILE A . n 
A 1 34 GLU 34 34 34 GLU GLU A . n 
A 1 35 LYS 35 35 35 LYS LYS A . n 
A 1 36 ILE 36 36 36 ILE ILE A . n 
A 1 37 ASP 37 37 37 ASP ASP A . n 
A 1 38 TYR 38 38 38 TYR TYR A . n 
A 1 39 GLU 39 39 39 GLU GLU A . n 
A 1 40 GLU 40 40 40 GLU GLU A . n 
A 1 41 GLY 41 41 41 GLY GLY A . n 
A 1 42 LYS 42 42 42 LYS LYS A . n 
A 1 43 MET 43 43 43 MET MET A . n 
A 1 44 LEU 44 44 44 LEU LEU A . n 
A 1 45 VAL 45 45 45 VAL VAL A . n 
A 1 46 HIS 46 46 46 HIS HIS A . n 
A 1 47 PHE 47 47 47 PHE PHE A . n 
A 1 48 GLU 48 48 48 GLU GLU A . n 
A 1 49 ARG 49 49 49 ARG ARG A . n 
A 1 50 TRP 50 50 50 TRP TRP A . n 
A 1 51 SER 51 51 51 SER SER A . n 
A 1 52 HIS 52 52 52 HIS HIS A . n 
A 1 53 ARG 53 53 53 ARG ARG A . n 
A 1 54 TYR 54 54 54 TYR TYR A . n 
A 1 55 ASP 55 55 55 ASP ASP A . n 
A 1 56 GLU 56 56 56 GLU GLU A . n 
A 1 57 TRP 57 57 57 TRP TRP A . n 
A 1 58 ILE 58 58 58 ILE ILE A . n 
A 1 59 TYR 59 59 59 TYR TYR A . n 
A 1 60 TRP 60 60 60 TRP TRP A . n 
A 1 61 ASP 61 61 61 ASP ASP A . n 
A 1 62 SER 62 62 62 SER SER A . n 
A 1 63 ASN 63 63 63 ASN ASN A . n 
A 1 64 ARG 64 64 64 ARG ARG A . n 
A 1 65 LEU 65 65 65 LEU LEU A . n 
A 1 66 ARG 66 66 66 ARG ARG A . n 
A 1 67 PRO 67 67 67 PRO PRO A . n 
A 1 68 LEU 68 68 68 LEU LEU A . n 
A 1 69 GLU 69 69 69 GLU GLU A . n 
A 1 70 ARG 70 70 ?  ?   ?   A . n 
# 
loop_
_pdbx_nonpoly_scheme.asym_id 
_pdbx_nonpoly_scheme.entity_id 
_pdbx_nonpoly_scheme.mon_id 
_pdbx_nonpoly_scheme.ndb_seq_num 
_pdbx_nonpoly_scheme.pdb_seq_num 
_pdbx_nonpoly_scheme.auth_seq_num 
_pdbx_nonpoly_scheme.pdb_mon_id 
_pdbx_nonpoly_scheme.auth_mon_id 
_pdbx_nonpoly_scheme.pdb_strand_id 
_pdbx_nonpoly_scheme.pdb_ins_code 
B 2 SO4 1  101 1  SO4 SO4 A . 
C 2 SO4 1  102 2  SO4 SO4 A . 
D 2 SO4 1  103 3  SO4 SO4 A . 
E 3 GOL 1  104 1  GOL GOL A . 
F 4 HOH 1  201 3  HOH HOH A . 
F 4 HOH 2  202 1  HOH HOH A . 
F 4 HOH 3  203 2  HOH HOH A . 
F 4 HOH 4  204 19 HOH HOH A . 
F 4 HOH 5  205 11 HOH HOH A . 
F 4 HOH 6  206 12 HOH HOH A . 
F 4 HOH 7  207 20 HOH HOH A . 
F 4 HOH 8  208 13 HOH HOH A . 
F 4 HOH 9  209 25 HOH HOH A . 
F 4 HOH 10 210 8  HOH HOH A . 
F 4 HOH 11 211 31 HOH HOH A . 
F 4 HOH 12 212 5  HOH HOH A . 
F 4 HOH 13 213 22 HOH HOH A . 
F 4 HOH 14 214 7  HOH HOH A . 
F 4 HOH 15 215 16 HOH HOH A . 
F 4 HOH 16 216 18 HOH HOH A . 
F 4 HOH 17 217 30 HOH HOH A . 
F 4 HOH 18 218 14 HOH HOH A . 
F 4 HOH 19 219 15 HOH HOH A . 
F 4 HOH 20 220 10 HOH HOH A . 
F 4 HOH 21 221 24 HOH HOH A . 
F 4 HOH 22 222 9  HOH HOH A . 
F 4 HOH 23 223 4  HOH HOH A . 
F 4 HOH 24 224 6  HOH HOH A . 
F 4 HOH 25 225 21 HOH HOH A . 
F 4 HOH 26 226 17 HOH HOH A . 
F 4 HOH 27 227 23 HOH HOH A . 
F 4 HOH 28 228 34 HOH HOH A . 
F 4 HOH 29 229 33 HOH HOH A . 
F 4 HOH 30 230 32 HOH HOH A . 
F 4 HOH 31 231 27 HOH HOH A . 
F 4 HOH 32 232 26 HOH HOH A . 
F 4 HOH 33 233 29 HOH HOH A . 
F 4 HOH 34 234 35 HOH HOH A . 
F 4 HOH 35 235 28 HOH HOH A . 
# 
_pdbx_struct_assembly.id                   1 
_pdbx_struct_assembly.details              author_and_software_defined_assembly 
_pdbx_struct_assembly.method_details       PISA 
_pdbx_struct_assembly.oligomeric_details   monomeric 
_pdbx_struct_assembly.oligomeric_count     1 
# 
_pdbx_struct_assembly_gen.assembly_id       1 
_pdbx_struct_assembly_gen.oper_expression   1 
_pdbx_struct_assembly_gen.asym_id_list      A,B,C,D,E,F 
# 
loop_
_pdbx_struct_assembly_prop.biol_id 
_pdbx_struct_assembly_prop.type 
_pdbx_struct_assembly_prop.value 
_pdbx_struct_assembly_prop.details 
1 'ABSA (A^2)' 140  ? 
1 MORE         -10  ? 
1 'SSA (A^2)'  4760 ? 
# 
_pdbx_struct_oper_list.id                   1 
_pdbx_struct_oper_list.type                 'identity operation' 
_pdbx_struct_oper_list.name                 1_555 
_pdbx_struct_oper_list.symmetry_operation   x,y,z 
_pdbx_struct_oper_list.matrix[1][1]         1.0000000000 
_pdbx_struct_oper_list.matrix[1][2]         0.0000000000 
_pdbx_struct_oper_list.matrix[1][3]         0.0000000000 
_pdbx_struct_oper_list.vector[1]            0.0000000000 
_pdbx_struct_oper_list.matrix[2][1]         0.0000000000 
_pdbx_struct_oper_list.matrix[2][2]         1.0000000000 
_pdbx_struct_oper_list.matrix[2][3]         0.0000000000 
_pdbx_struct_oper_list.vector[2]            0.0000000000 
_pdbx_struct_oper_list.matrix[3][1]         0.0000000000 
_pdbx_struct_oper_list.matrix[3][2]         0.0000000000 
_pdbx_struct_oper_list.matrix[3][3]         1.0000000000 
_pdbx_struct_oper_list.vector[3]            0.0000000000 
# 
loop_
_pdbx_audit_revision_history.ordinal 
_pdbx_audit_revision_history.data_content_type 
_pdbx_audit_revision_history.major_revision 
_pdbx_audit_revision_history.minor_revision 
_pdbx_audit_revision_history.revision_date 
1 'Structure model' 1 0 2020-09-23 
2 'Structure model' 1 1 2020-09-30 
3 'Structure model' 1 2 2023-11-22 
# 
_pdbx_audit_revision_details.ordinal             1 
_pdbx_audit_revision_details.revision_ordinal    1 
_pdbx_audit_revision_details.data_content_type   'Structure model' 
_pdbx_audit_revision_details.provider            repository 
_pdbx_audit_revision_details.type                'Initial release' 
_pdbx_audit_revision_details.description         ? 
_pdbx_audit_revision_details.details             ? 
# 
loop_
_pdbx_audit_revision_group.ordinal 
_pdbx_audit_revision_group.revision_ordinal 
_pdbx_audit_revision_group.data_content_type 
_pdbx_audit_revision_group.group 
1 2 'Structure model' 'Database references'    
2 3 'Structure model' 'Data collection'        
3 3 'Structure model' 'Database references'    
4 3 'Structure model' 'Refinement description' 
# 
loop_
_pdbx_audit_revision_category.ordinal 
_pdbx_audit_revision_category.revision_ordinal 
_pdbx_audit_revision_category.data_content_type 
_pdbx_audit_revision_category.category 
1 2 'Structure model' citation                      
2 2 'Structure model' citation_author               
3 3 'Structure model' chem_comp_atom                
4 3 'Structure model' chem_comp_bond                
5 3 'Structure model' database_2                    
6 3 'Structure model' pdbx_initial_refinement_model 
# 
loop_
_pdbx_audit_revision_item.ordinal 
_pdbx_audit_revision_item.revision_ordinal 
_pdbx_audit_revision_item.data_content_type 
_pdbx_audit_revision_item.item 
1 2 'Structure model' '_citation.journal_volume'            
2 2 'Structure model' '_citation_author.identifier_ORCID'   
3 3 'Structure model' '_database_2.pdbx_DOI'                
4 3 'Structure model' '_database_2.pdbx_database_accession' 
# 
loop_
_software.citation_id 
_software.classification 
_software.compiler_name 
_software.compiler_version 
_software.contact_author 
_software.contact_author_email 
_software.date 
_software.description 
_software.dependencies 
_software.hardware 
_software.language 
_software.location 
_software.mods 
_software.name 
_software.os 
_software.os_version 
_software.type 
_software.version 
_software.pdbx_ordinal 
? refinement        ? ? ? ? ? ? ? ? ? ? ? REFMAC      ? ? ? 5.8.0238 1 
? 'data scaling'    ? ? ? ? ? ? ? ? ? ? ? SCALA       ? ? ? .        2 
? 'data extraction' ? ? ? ? ? ? ? ? ? ? ? PDB_EXTRACT ? ? ? 3.25     3 
? 'data reduction'  ? ? ? ? ? ? ? ? ? ? ? HKL-2000    ? ? ? .        4 
? phasing           ? ? ? ? ? ? ? ? ? ? ? PHASER      ? ? ? .        5 
# 
_pdbx_entry_details.entry_id                 6L1C 
_pdbx_entry_details.nonpolymer_details       ? 
_pdbx_entry_details.sequence_details         ? 
_pdbx_entry_details.compound_details         ? 
_pdbx_entry_details.source_details           ? 
_pdbx_entry_details.has_ligand_of_interest   N 
# 
loop_
_pdbx_unobs_or_zero_occ_residues.id 
_pdbx_unobs_or_zero_occ_residues.PDB_model_num 
_pdbx_unobs_or_zero_occ_residues.polymer_flag 
_pdbx_unobs_or_zero_occ_residues.occupancy_flag 
_pdbx_unobs_or_zero_occ_residues.auth_asym_id 
_pdbx_unobs_or_zero_occ_residues.auth_comp_id 
_pdbx_unobs_or_zero_occ_residues.auth_seq_id 
_pdbx_unobs_or_zero_occ_residues.PDB_ins_code 
_pdbx_unobs_or_zero_occ_residues.label_asym_id 
_pdbx_unobs_or_zero_occ_residues.label_comp_id 
_pdbx_unobs_or_zero_occ_residues.label_seq_id 
1 1 Y 1 A GLY 1  ? A GLY 1  
2 1 Y 1 A ARG 70 ? A ARG 70 
# 
loop_
_chem_comp_atom.comp_id 
_chem_comp_atom.atom_id 
_chem_comp_atom.type_symbol 
_chem_comp_atom.pdbx_aromatic_flag 
_chem_comp_atom.pdbx_stereo_config 
_chem_comp_atom.pdbx_ordinal 
ALA N    N N N 1   
ALA CA   C N S 2   
ALA C    C N N 3   
ALA O    O N N 4   
ALA CB   C N N 5   
ALA OXT  O N N 6   
ALA H    H N N 7   
ALA H2   H N N 8   
ALA HA   H N N 9   
ALA HB1  H N N 10  
ALA HB2  H N N 11  
ALA HB3  H N N 12  
ALA HXT  H N N 13  
ARG N    N N N 14  
ARG CA   C N S 15  
ARG C    C N N 16  
ARG O    O N N 17  
ARG CB   C N N 18  
ARG CG   C N N 19  
ARG CD   C N N 20  
ARG NE   N N N 21  
ARG CZ   C N N 22  
ARG NH1  N N N 23  
ARG NH2  N N N 24  
ARG OXT  O N N 25  
ARG H    H N N 26  
ARG H2   H N N 27  
ARG HA   H N N 28  
ARG HB2  H N N 29  
ARG HB3  H N N 30  
ARG HG2  H N N 31  
ARG HG3  H N N 32  
ARG HD2  H N N 33  
ARG HD3  H N N 34  
ARG HE   H N N 35  
ARG HH11 H N N 36  
ARG HH12 H N N 37  
ARG HH21 H N N 38  
ARG HH22 H N N 39  
ARG HXT  H N N 40  
ASN N    N N N 41  
ASN CA   C N S 42  
ASN C    C N N 43  
ASN O    O N N 44  
ASN CB   C N N 45  
ASN CG   C N N 46  
ASN OD1  O N N 47  
ASN ND2  N N N 48  
ASN OXT  O N N 49  
ASN H    H N N 50  
ASN H2   H N N 51  
ASN HA   H N N 52  
ASN HB2  H N N 53  
ASN HB3  H N N 54  
ASN HD21 H N N 55  
ASN HD22 H N N 56  
ASN HXT  H N N 57  
ASP N    N N N 58  
ASP CA   C N S 59  
ASP C    C N N 60  
ASP O    O N N 61  
ASP CB   C N N 62  
ASP CG   C N N 63  
ASP OD1  O N N 64  
ASP OD2  O N N 65  
ASP OXT  O N N 66  
ASP H    H N N 67  
ASP H2   H N N 68  
ASP HA   H N N 69  
ASP HB2  H N N 70  
ASP HB3  H N N 71  
ASP HD2  H N N 72  
ASP HXT  H N N 73  
GLN N    N N N 74  
GLN CA   C N S 75  
GLN C    C N N 76  
GLN O    O N N 77  
GLN CB   C N N 78  
GLN CG   C N N 79  
GLN CD   C N N 80  
GLN OE1  O N N 81  
GLN NE2  N N N 82  
GLN OXT  O N N 83  
GLN H    H N N 84  
GLN H2   H N N 85  
GLN HA   H N N 86  
GLN HB2  H N N 87  
GLN HB3  H N N 88  
GLN HG2  H N N 89  
GLN HG3  H N N 90  
GLN HE21 H N N 91  
GLN HE22 H N N 92  
GLN HXT  H N N 93  
GLU N    N N N 94  
GLU CA   C N S 95  
GLU C    C N N 96  
GLU O    O N N 97  
GLU CB   C N N 98  
GLU CG   C N N 99  
GLU CD   C N N 100 
GLU OE1  O N N 101 
GLU OE2  O N N 102 
GLU OXT  O N N 103 
GLU H    H N N 104 
GLU H2   H N N 105 
GLU HA   H N N 106 
GLU HB2  H N N 107 
GLU HB3  H N N 108 
GLU HG2  H N N 109 
GLU HG3  H N N 110 
GLU HE2  H N N 111 
GLU HXT  H N N 112 
GLY N    N N N 113 
GLY CA   C N N 114 
GLY C    C N N 115 
GLY O    O N N 116 
GLY OXT  O N N 117 
GLY H    H N N 118 
GLY H2   H N N 119 
GLY HA2  H N N 120 
GLY HA3  H N N 121 
GLY HXT  H N N 122 
GOL C1   C N N 123 
GOL O1   O N N 124 
GOL C2   C N N 125 
GOL O2   O N N 126 
GOL C3   C N N 127 
GOL O3   O N N 128 
GOL H11  H N N 129 
GOL H12  H N N 130 
GOL HO1  H N N 131 
GOL H2   H N N 132 
GOL HO2  H N N 133 
GOL H31  H N N 134 
GOL H32  H N N 135 
GOL HO3  H N N 136 
HIS N    N N N 137 
HIS CA   C N S 138 
HIS C    C N N 139 
HIS O    O N N 140 
HIS CB   C N N 141 
HIS CG   C Y N 142 
HIS ND1  N Y N 143 
HIS CD2  C Y N 144 
HIS CE1  C Y N 145 
HIS NE2  N Y N 146 
HIS OXT  O N N 147 
HIS H    H N N 148 
HIS H2   H N N 149 
HIS HA   H N N 150 
HIS HB2  H N N 151 
HIS HB3  H N N 152 
HIS HD1  H N N 153 
HIS HD2  H N N 154 
HIS HE1  H N N 155 
HIS HE2  H N N 156 
HIS HXT  H N N 157 
HOH O    O N N 158 
HOH H1   H N N 159 
HOH H2   H N N 160 
ILE N    N N N 161 
ILE CA   C N S 162 
ILE C    C N N 163 
ILE O    O N N 164 
ILE CB   C N S 165 
ILE CG1  C N N 166 
ILE CG2  C N N 167 
ILE CD1  C N N 168 
ILE OXT  O N N 169 
ILE H    H N N 170 
ILE H2   H N N 171 
ILE HA   H N N 172 
ILE HB   H N N 173 
ILE HG12 H N N 174 
ILE HG13 H N N 175 
ILE HG21 H N N 176 
ILE HG22 H N N 177 
ILE HG23 H N N 178 
ILE HD11 H N N 179 
ILE HD12 H N N 180 
ILE HD13 H N N 181 
ILE HXT  H N N 182 
LEU N    N N N 183 
LEU CA   C N S 184 
LEU C    C N N 185 
LEU O    O N N 186 
LEU CB   C N N 187 
LEU CG   C N N 188 
LEU CD1  C N N 189 
LEU CD2  C N N 190 
LEU OXT  O N N 191 
LEU H    H N N 192 
LEU H2   H N N 193 
LEU HA   H N N 194 
LEU HB2  H N N 195 
LEU HB3  H N N 196 
LEU HG   H N N 197 
LEU HD11 H N N 198 
LEU HD12 H N N 199 
LEU HD13 H N N 200 
LEU HD21 H N N 201 
LEU HD22 H N N 202 
LEU HD23 H N N 203 
LEU HXT  H N N 204 
LYS N    N N N 205 
LYS CA   C N S 206 
LYS C    C N N 207 
LYS O    O N N 208 
LYS CB   C N N 209 
LYS CG   C N N 210 
LYS CD   C N N 211 
LYS CE   C N N 212 
LYS NZ   N N N 213 
LYS OXT  O N N 214 
LYS H    H N N 215 
LYS H2   H N N 216 
LYS HA   H N N 217 
LYS HB2  H N N 218 
LYS HB3  H N N 219 
LYS HG2  H N N 220 
LYS HG3  H N N 221 
LYS HD2  H N N 222 
LYS HD3  H N N 223 
LYS HE2  H N N 224 
LYS HE3  H N N 225 
LYS HZ1  H N N 226 
LYS HZ2  H N N 227 
LYS HZ3  H N N 228 
LYS HXT  H N N 229 
MET N    N N N 230 
MET CA   C N S 231 
MET C    C N N 232 
MET O    O N N 233 
MET CB   C N N 234 
MET CG   C N N 235 
MET SD   S N N 236 
MET CE   C N N 237 
MET OXT  O N N 238 
MET H    H N N 239 
MET H2   H N N 240 
MET HA   H N N 241 
MET HB2  H N N 242 
MET HB3  H N N 243 
MET HG2  H N N 244 
MET HG3  H N N 245 
MET HE1  H N N 246 
MET HE2  H N N 247 
MET HE3  H N N 248 
MET HXT  H N N 249 
PHE N    N N N 250 
PHE CA   C N S 251 
PHE C    C N N 252 
PHE O    O N N 253 
PHE CB   C N N 254 
PHE CG   C Y N 255 
PHE CD1  C Y N 256 
PHE CD2  C Y N 257 
PHE CE1  C Y N 258 
PHE CE2  C Y N 259 
PHE CZ   C Y N 260 
PHE OXT  O N N 261 
PHE H    H N N 262 
PHE H2   H N N 263 
PHE HA   H N N 264 
PHE HB2  H N N 265 
PHE HB3  H N N 266 
PHE HD1  H N N 267 
PHE HD2  H N N 268 
PHE HE1  H N N 269 
PHE HE2  H N N 270 
PHE HZ   H N N 271 
PHE HXT  H N N 272 
PRO N    N N N 273 
PRO CA   C N S 274 
PRO C    C N N 275 
PRO O    O N N 276 
PRO CB   C N N 277 
PRO CG   C N N 278 
PRO CD   C N N 279 
PRO OXT  O N N 280 
PRO H    H N N 281 
PRO HA   H N N 282 
PRO HB2  H N N 283 
PRO HB3  H N N 284 
PRO HG2  H N N 285 
PRO HG3  H N N 286 
PRO HD2  H N N 287 
PRO HD3  H N N 288 
PRO HXT  H N N 289 
SER N    N N N 290 
SER CA   C N S 291 
SER C    C N N 292 
SER O    O N N 293 
SER CB   C N N 294 
SER OG   O N N 295 
SER OXT  O N N 296 
SER H    H N N 297 
SER H2   H N N 298 
SER HA   H N N 299 
SER HB2  H N N 300 
SER HB3  H N N 301 
SER HG   H N N 302 
SER HXT  H N N 303 
SO4 S    S N N 304 
SO4 O1   O N N 305 
SO4 O2   O N N 306 
SO4 O3   O N N 307 
SO4 O4   O N N 308 
THR N    N N N 309 
THR CA   C N S 310 
THR C    C N N 311 
THR O    O N N 312 
THR CB   C N R 313 
THR OG1  O N N 314 
THR CG2  C N N 315 
THR OXT  O N N 316 
THR H    H N N 317 
THR H2   H N N 318 
THR HA   H N N 319 
THR HB   H N N 320 
THR HG1  H N N 321 
THR HG21 H N N 322 
THR HG22 H N N 323 
THR HG23 H N N 324 
THR HXT  H N N 325 
TRP N    N N N 326 
TRP CA   C N S 327 
TRP C    C N N 328 
TRP O    O N N 329 
TRP CB   C N N 330 
TRP CG   C Y N 331 
TRP CD1  C Y N 332 
TRP CD2  C Y N 333 
TRP NE1  N Y N 334 
TRP CE2  C Y N 335 
TRP CE3  C Y N 336 
TRP CZ2  C Y N 337 
TRP CZ3  C Y N 338 
TRP CH2  C Y N 339 
TRP OXT  O N N 340 
TRP H    H N N 341 
TRP H2   H N N 342 
TRP HA   H N N 343 
TRP HB2  H N N 344 
TRP HB3  H N N 345 
TRP HD1  H N N 346 
TRP HE1  H N N 347 
TRP HE3  H N N 348 
TRP HZ2  H N N 349 
TRP HZ3  H N N 350 
TRP HH2  H N N 351 
TRP HXT  H N N 352 
TYR N    N N N 353 
TYR CA   C N S 354 
TYR C    C N N 355 
TYR O    O N N 356 
TYR CB   C N N 357 
TYR CG   C Y N 358 
TYR CD1  C Y N 359 
TYR CD2  C Y N 360 
TYR CE1  C Y N 361 
TYR CE2  C Y N 362 
TYR CZ   C Y N 363 
TYR OH   O N N 364 
TYR OXT  O N N 365 
TYR H    H N N 366 
TYR H2   H N N 367 
TYR HA   H N N 368 
TYR HB2  H N N 369 
TYR HB3  H N N 370 
TYR HD1  H N N 371 
TYR HD2  H N N 372 
TYR HE1  H N N 373 
TYR HE2  H N N 374 
TYR HH   H N N 375 
TYR HXT  H N N 376 
VAL N    N N N 377 
VAL CA   C N S 378 
VAL C    C N N 379 
VAL O    O N N 380 
VAL CB   C N N 381 
VAL CG1  C N N 382 
VAL CG2  C N N 383 
VAL OXT  O N N 384 
VAL H    H N N 385 
VAL H2   H N N 386 
VAL HA   H N N 387 
VAL HB   H N N 388 
VAL HG11 H N N 389 
VAL HG12 H N N 390 
VAL HG13 H N N 391 
VAL HG21 H N N 392 
VAL HG22 H N N 393 
VAL HG23 H N N 394 
VAL HXT  H N N 395 
# 
loop_
_chem_comp_bond.comp_id 
_chem_comp_bond.atom_id_1 
_chem_comp_bond.atom_id_2 
_chem_comp_bond.value_order 
_chem_comp_bond.pdbx_aromatic_flag 
_chem_comp_bond.pdbx_stereo_config 
_chem_comp_bond.pdbx_ordinal 
ALA N   CA   sing N N 1   
ALA N   H    sing N N 2   
ALA N   H2   sing N N 3   
ALA CA  C    sing N N 4   
ALA CA  CB   sing N N 5   
ALA CA  HA   sing N N 6   
ALA C   O    doub N N 7   
ALA C   OXT  sing N N 8   
ALA CB  HB1  sing N N 9   
ALA CB  HB2  sing N N 10  
ALA CB  HB3  sing N N 11  
ALA OXT HXT  sing N N 12  
ARG N   CA   sing N N 13  
ARG N   H    sing N N 14  
ARG N   H2   sing N N 15  
ARG CA  C    sing N N 16  
ARG CA  CB   sing N N 17  
ARG CA  HA   sing N N 18  
ARG C   O    doub N N 19  
ARG C   OXT  sing N N 20  
ARG CB  CG   sing N N 21  
ARG CB  HB2  sing N N 22  
ARG CB  HB3  sing N N 23  
ARG CG  CD   sing N N 24  
ARG CG  HG2  sing N N 25  
ARG CG  HG3  sing N N 26  
ARG CD  NE   sing N N 27  
ARG CD  HD2  sing N N 28  
ARG CD  HD3  sing N N 29  
ARG NE  CZ   sing N N 30  
ARG NE  HE   sing N N 31  
ARG CZ  NH1  sing N N 32  
ARG CZ  NH2  doub N N 33  
ARG NH1 HH11 sing N N 34  
ARG NH1 HH12 sing N N 35  
ARG NH2 HH21 sing N N 36  
ARG NH2 HH22 sing N N 37  
ARG OXT HXT  sing N N 38  
ASN N   CA   sing N N 39  
ASN N   H    sing N N 40  
ASN N   H2   sing N N 41  
ASN CA  C    sing N N 42  
ASN CA  CB   sing N N 43  
ASN CA  HA   sing N N 44  
ASN C   O    doub N N 45  
ASN C   OXT  sing N N 46  
ASN CB  CG   sing N N 47  
ASN CB  HB2  sing N N 48  
ASN CB  HB3  sing N N 49  
ASN CG  OD1  doub N N 50  
ASN CG  ND2  sing N N 51  
ASN ND2 HD21 sing N N 52  
ASN ND2 HD22 sing N N 53  
ASN OXT HXT  sing N N 54  
ASP N   CA   sing N N 55  
ASP N   H    sing N N 56  
ASP N   H2   sing N N 57  
ASP CA  C    sing N N 58  
ASP CA  CB   sing N N 59  
ASP CA  HA   sing N N 60  
ASP C   O    doub N N 61  
ASP C   OXT  sing N N 62  
ASP CB  CG   sing N N 63  
ASP CB  HB2  sing N N 64  
ASP CB  HB3  sing N N 65  
ASP CG  OD1  doub N N 66  
ASP CG  OD2  sing N N 67  
ASP OD2 HD2  sing N N 68  
ASP OXT HXT  sing N N 69  
GLN N   CA   sing N N 70  
GLN N   H    sing N N 71  
GLN N   H2   sing N N 72  
GLN CA  C    sing N N 73  
GLN CA  CB   sing N N 74  
GLN CA  HA   sing N N 75  
GLN C   O    doub N N 76  
GLN C   OXT  sing N N 77  
GLN CB  CG   sing N N 78  
GLN CB  HB2  sing N N 79  
GLN CB  HB3  sing N N 80  
GLN CG  CD   sing N N 81  
GLN CG  HG2  sing N N 82  
GLN CG  HG3  sing N N 83  
GLN CD  OE1  doub N N 84  
GLN CD  NE2  sing N N 85  
GLN NE2 HE21 sing N N 86  
GLN NE2 HE22 sing N N 87  
GLN OXT HXT  sing N N 88  
GLU N   CA   sing N N 89  
GLU N   H    sing N N 90  
GLU N   H2   sing N N 91  
GLU CA  C    sing N N 92  
GLU CA  CB   sing N N 93  
GLU CA  HA   sing N N 94  
GLU C   O    doub N N 95  
GLU C   OXT  sing N N 96  
GLU CB  CG   sing N N 97  
GLU CB  HB2  sing N N 98  
GLU CB  HB3  sing N N 99  
GLU CG  CD   sing N N 100 
GLU CG  HG2  sing N N 101 
GLU CG  HG3  sing N N 102 
GLU CD  OE1  doub N N 103 
GLU CD  OE2  sing N N 104 
GLU OE2 HE2  sing N N 105 
GLU OXT HXT  sing N N 106 
GLY N   CA   sing N N 107 
GLY N   H    sing N N 108 
GLY N   H2   sing N N 109 
GLY CA  C    sing N N 110 
GLY CA  HA2  sing N N 111 
GLY CA  HA3  sing N N 112 
GLY C   O    doub N N 113 
GLY C   OXT  sing N N 114 
GLY OXT HXT  sing N N 115 
GOL C1  O1   sing N N 116 
GOL C1  C2   sing N N 117 
GOL C1  H11  sing N N 118 
GOL C1  H12  sing N N 119 
GOL O1  HO1  sing N N 120 
GOL C2  O2   sing N N 121 
GOL C2  C3   sing N N 122 
GOL C2  H2   sing N N 123 
GOL O2  HO2  sing N N 124 
GOL C3  O3   sing N N 125 
GOL C3  H31  sing N N 126 
GOL C3  H32  sing N N 127 
GOL O3  HO3  sing N N 128 
HIS N   CA   sing N N 129 
HIS N   H    sing N N 130 
HIS N   H2   sing N N 131 
HIS CA  C    sing N N 132 
HIS CA  CB   sing N N 133 
HIS CA  HA   sing N N 134 
HIS C   O    doub N N 135 
HIS C   OXT  sing N N 136 
HIS CB  CG   sing N N 137 
HIS CB  HB2  sing N N 138 
HIS CB  HB3  sing N N 139 
HIS CG  ND1  sing Y N 140 
HIS CG  CD2  doub Y N 141 
HIS ND1 CE1  doub Y N 142 
HIS ND1 HD1  sing N N 143 
HIS CD2 NE2  sing Y N 144 
HIS CD2 HD2  sing N N 145 
HIS CE1 NE2  sing Y N 146 
HIS CE1 HE1  sing N N 147 
HIS NE2 HE2  sing N N 148 
HIS OXT HXT  sing N N 149 
HOH O   H1   sing N N 150 
HOH O   H2   sing N N 151 
ILE N   CA   sing N N 152 
ILE N   H    sing N N 153 
ILE N   H2   sing N N 154 
ILE CA  C    sing N N 155 
ILE CA  CB   sing N N 156 
ILE CA  HA   sing N N 157 
ILE C   O    doub N N 158 
ILE C   OXT  sing N N 159 
ILE CB  CG1  sing N N 160 
ILE CB  CG2  sing N N 161 
ILE CB  HB   sing N N 162 
ILE CG1 CD1  sing N N 163 
ILE CG1 HG12 sing N N 164 
ILE CG1 HG13 sing N N 165 
ILE CG2 HG21 sing N N 166 
ILE CG2 HG22 sing N N 167 
ILE CG2 HG23 sing N N 168 
ILE CD1 HD11 sing N N 169 
ILE CD1 HD12 sing N N 170 
ILE CD1 HD13 sing N N 171 
ILE OXT HXT  sing N N 172 
LEU N   CA   sing N N 173 
LEU N   H    sing N N 174 
LEU N   H2   sing N N 175 
LEU CA  C    sing N N 176 
LEU CA  CB   sing N N 177 
LEU CA  HA   sing N N 178 
LEU C   O    doub N N 179 
LEU C   OXT  sing N N 180 
LEU CB  CG   sing N N 181 
LEU CB  HB2  sing N N 182 
LEU CB  HB3  sing N N 183 
LEU CG  CD1  sing N N 184 
LEU CG  CD2  sing N N 185 
LEU CG  HG   sing N N 186 
LEU CD1 HD11 sing N N 187 
LEU CD1 HD12 sing N N 188 
LEU CD1 HD13 sing N N 189 
LEU CD2 HD21 sing N N 190 
LEU CD2 HD22 sing N N 191 
LEU CD2 HD23 sing N N 192 
LEU OXT HXT  sing N N 193 
LYS N   CA   sing N N 194 
LYS N   H    sing N N 195 
LYS N   H2   sing N N 196 
LYS CA  C    sing N N 197 
LYS CA  CB   sing N N 198 
LYS CA  HA   sing N N 199 
LYS C   O    doub N N 200 
LYS C   OXT  sing N N 201 
LYS CB  CG   sing N N 202 
LYS CB  HB2  sing N N 203 
LYS CB  HB3  sing N N 204 
LYS CG  CD   sing N N 205 
LYS CG  HG2  sing N N 206 
LYS CG  HG3  sing N N 207 
LYS CD  CE   sing N N 208 
LYS CD  HD2  sing N N 209 
LYS CD  HD3  sing N N 210 
LYS CE  NZ   sing N N 211 
LYS CE  HE2  sing N N 212 
LYS CE  HE3  sing N N 213 
LYS NZ  HZ1  sing N N 214 
LYS NZ  HZ2  sing N N 215 
LYS NZ  HZ3  sing N N 216 
LYS OXT HXT  sing N N 217 
MET N   CA   sing N N 218 
MET N   H    sing N N 219 
MET N   H2   sing N N 220 
MET CA  C    sing N N 221 
MET CA  CB   sing N N 222 
MET CA  HA   sing N N 223 
MET C   O    doub N N 224 
MET C   OXT  sing N N 225 
MET CB  CG   sing N N 226 
MET CB  HB2  sing N N 227 
MET CB  HB3  sing N N 228 
MET CG  SD   sing N N 229 
MET CG  HG2  sing N N 230 
MET CG  HG3  sing N N 231 
MET SD  CE   sing N N 232 
MET CE  HE1  sing N N 233 
MET CE  HE2  sing N N 234 
MET CE  HE3  sing N N 235 
MET OXT HXT  sing N N 236 
PHE N   CA   sing N N 237 
PHE N   H    sing N N 238 
PHE N   H2   sing N N 239 
PHE CA  C    sing N N 240 
PHE CA  CB   sing N N 241 
PHE CA  HA   sing N N 242 
PHE C   O    doub N N 243 
PHE C   OXT  sing N N 244 
PHE CB  CG   sing N N 245 
PHE CB  HB2  sing N N 246 
PHE CB  HB3  sing N N 247 
PHE CG  CD1  doub Y N 248 
PHE CG  CD2  sing Y N 249 
PHE CD1 CE1  sing Y N 250 
PHE CD1 HD1  sing N N 251 
PHE CD2 CE2  doub Y N 252 
PHE CD2 HD2  sing N N 253 
PHE CE1 CZ   doub Y N 254 
PHE CE1 HE1  sing N N 255 
PHE CE2 CZ   sing Y N 256 
PHE CE2 HE2  sing N N 257 
PHE CZ  HZ   sing N N 258 
PHE OXT HXT  sing N N 259 
PRO N   CA   sing N N 260 
PRO N   CD   sing N N 261 
PRO N   H    sing N N 262 
PRO CA  C    sing N N 263 
PRO CA  CB   sing N N 264 
PRO CA  HA   sing N N 265 
PRO C   O    doub N N 266 
PRO C   OXT  sing N N 267 
PRO CB  CG   sing N N 268 
PRO CB  HB2  sing N N 269 
PRO CB  HB3  sing N N 270 
PRO CG  CD   sing N N 271 
PRO CG  HG2  sing N N 272 
PRO CG  HG3  sing N N 273 
PRO CD  HD2  sing N N 274 
PRO CD  HD3  sing N N 275 
PRO OXT HXT  sing N N 276 
SER N   CA   sing N N 277 
SER N   H    sing N N 278 
SER N   H2   sing N N 279 
SER CA  C    sing N N 280 
SER CA  CB   sing N N 281 
SER CA  HA   sing N N 282 
SER C   O    doub N N 283 
SER C   OXT  sing N N 284 
SER CB  OG   sing N N 285 
SER CB  HB2  sing N N 286 
SER CB  HB3  sing N N 287 
SER OG  HG   sing N N 288 
SER OXT HXT  sing N N 289 
SO4 S   O1   doub N N 290 
SO4 S   O2   doub N N 291 
SO4 S   O3   sing N N 292 
SO4 S   O4   sing N N 293 
THR N   CA   sing N N 294 
THR N   H    sing N N 295 
THR N   H2   sing N N 296 
THR CA  C    sing N N 297 
THR CA  CB   sing N N 298 
THR CA  HA   sing N N 299 
THR C   O    doub N N 300 
THR C   OXT  sing N N 301 
THR CB  OG1  sing N N 302 
THR CB  CG2  sing N N 303 
THR CB  HB   sing N N 304 
THR OG1 HG1  sing N N 305 
THR CG2 HG21 sing N N 306 
THR CG2 HG22 sing N N 307 
THR CG2 HG23 sing N N 308 
THR OXT HXT  sing N N 309 
TRP N   CA   sing N N 310 
TRP N   H    sing N N 311 
TRP N   H2   sing N N 312 
TRP CA  C    sing N N 313 
TRP CA  CB   sing N N 314 
TRP CA  HA   sing N N 315 
TRP C   O    doub N N 316 
TRP C   OXT  sing N N 317 
TRP CB  CG   sing N N 318 
TRP CB  HB2  sing N N 319 
TRP CB  HB3  sing N N 320 
TRP CG  CD1  doub Y N 321 
TRP CG  CD2  sing Y N 322 
TRP CD1 NE1  sing Y N 323 
TRP CD1 HD1  sing N N 324 
TRP CD2 CE2  doub Y N 325 
TRP CD2 CE3  sing Y N 326 
TRP NE1 CE2  sing Y N 327 
TRP NE1 HE1  sing N N 328 
TRP CE2 CZ2  sing Y N 329 
TRP CE3 CZ3  doub Y N 330 
TRP CE3 HE3  sing N N 331 
TRP CZ2 CH2  doub Y N 332 
TRP CZ2 HZ2  sing N N 333 
TRP CZ3 CH2  sing Y N 334 
TRP CZ3 HZ3  sing N N 335 
TRP CH2 HH2  sing N N 336 
TRP OXT HXT  sing N N 337 
TYR N   CA   sing N N 338 
TYR N   H    sing N N 339 
TYR N   H2   sing N N 340 
TYR CA  C    sing N N 341 
TYR CA  CB   sing N N 342 
TYR CA  HA   sing N N 343 
TYR C   O    doub N N 344 
TYR C   OXT  sing N N 345 
TYR CB  CG   sing N N 346 
TYR CB  HB2  sing N N 347 
TYR CB  HB3  sing N N 348 
TYR CG  CD1  doub Y N 349 
TYR CG  CD2  sing Y N 350 
TYR CD1 CE1  sing Y N 351 
TYR CD1 HD1  sing N N 352 
TYR CD2 CE2  doub Y N 353 
TYR CD2 HD2  sing N N 354 
TYR CE1 CZ   doub Y N 355 
TYR CE1 HE1  sing N N 356 
TYR CE2 CZ   sing Y N 357 
TYR CE2 HE2  sing N N 358 
TYR CZ  OH   sing N N 359 
TYR OH  HH   sing N N 360 
TYR OXT HXT  sing N N 361 
VAL N   CA   sing N N 362 
VAL N   H    sing N N 363 
VAL N   H2   sing N N 364 
VAL CA  C    sing N N 365 
VAL CA  CB   sing N N 366 
VAL CA  HA   sing N N 367 
VAL C   O    doub N N 368 
VAL C   OXT  sing N N 369 
VAL CB  CG1  sing N N 370 
VAL CB  CG2  sing N N 371 
VAL CB  HB   sing N N 372 
VAL CG1 HG11 sing N N 373 
VAL CG1 HG12 sing N N 374 
VAL CG1 HG13 sing N N 375 
VAL CG2 HG21 sing N N 376 
VAL CG2 HG22 sing N N 377 
VAL CG2 HG23 sing N N 378 
VAL OXT HXT  sing N N 379 
# 
loop_
_pdbx_entity_nonpoly.entity_id 
_pdbx_entity_nonpoly.name 
_pdbx_entity_nonpoly.comp_id 
2 'SULFATE ION' SO4 
3 GLYCEROL      GOL 
4 water         HOH 
# 
_pdbx_initial_refinement_model.id               1 
_pdbx_initial_refinement_model.entity_id_list   ? 
_pdbx_initial_refinement_model.type             'experimental model' 
_pdbx_initial_refinement_model.source_name      PDB 
_pdbx_initial_refinement_model.accession_code   3SD4 
_pdbx_initial_refinement_model.details          ? 
# 
_pdbx_reflns_twin.domain_id    1 
_pdbx_reflns_twin.crystal_id   1 
_pdbx_reflns_twin.diffrn_id    1 
_pdbx_reflns_twin.type         ? 
_pdbx_reflns_twin.operator     -k,-h,-l 
_pdbx_reflns_twin.fraction     0.488 
# 
_pdbx_struct_assembly_auth_evidence.id                     1 
_pdbx_struct_assembly_auth_evidence.assembly_id            1 
_pdbx_struct_assembly_auth_evidence.experimental_support   'gel filtration' 
_pdbx_struct_assembly_auth_evidence.details                ? 
# 
